data_6LKE
#
_entry.id   6LKE
#
_cell.length_a   161.510
_cell.length_b   63.420
_cell.length_c   152.660
_cell.angle_alpha   90.000
_cell.angle_beta   113.430
_cell.angle_gamma   90.000
#
_symmetry.space_group_name_H-M   'C 1 2 1'
#
loop_
_entity.id
_entity.type
_entity.pdbx_description
1 polymer 'Kynurenine 3-monooxygenase'
2 non-polymer 'FLAVIN-ADENINE DINUCLEOTIDE'
3 non-polymer 'SULFATE ION'
4 non-polymer 'CHLORIDE ION'
5 non-polymer '4-chloranyl-2-[[5-chloranyl-2-(5-methoxy-1,3-dihydroisoindol-2-yl)-1,3-thiazol-4-yl]carbonyl-methyl-amino]-5-fluoranyl-benzoic acid'
6 water water
#
_entity_poly.entity_id   1
_entity_poly.type   'polypeptide(L)'
_entity_poly.pdbx_seq_one_letter_code
;GSMASSDTEGKRVVVIGGGLVGALNACFLAKRNFQVDVYEAREDIRVANFMRGRSINLALSYRGRQALKAVGLEDQIVSK
GVPMKARMIHSLSGKKSAIPYGNKSQYILSISREKLNKDLLTAVESYPNAKVHFGHKLSKCCPEEGILTMLGPNKVPRDI
TCDLIVGCDGAYSTVRAHLMKKPRFDYSQQYIPHGYMELTIPPKNGEYAMEPNCLHIWPRNAFMMIALPNMDKSFTCTLF
MSFEEFEKLPTHSDVLDFFQKNFPDAIPLMGEQALMRDFFLLPAQPMISVKCSPFHLKSRCVLMGDAAHAIVPFFGQGMN
AGFEDCLVFDELMDKFNNDLSVCLPEFSRFRIPDDHAISDLSMYNYIEMRAHVNSRWFLFQRLLDKFLHALMPSTFIPLY
TMVAFTRIRYHEAVLRWHWQKKVINRGLFVLGSLVAIGSAYILVHHLSPRPLELLRSAWTGTSGHWNRSADISPRVPWSH
ENLYFQGDYKDDDDK
;
_entity_poly.pdbx_strand_id   A,B
#
loop_
_chem_comp.id
_chem_comp.type
_chem_comp.name
_chem_comp.formula
CL non-polymer 'CHLORIDE ION' 'Cl -1'
EGU non-polymer '4-chloranyl-2-[[5-chloranyl-2-(5-methoxy-1,3-dihydroisoindol-2-yl)-1,3-thiazol-4-yl]carbonyl-methyl-amino]-5-fluoranyl-benzoic acid' 'C21 H16 Cl2 F N3 O4 S'
FAD non-polymer 'FLAVIN-ADENINE DINUCLEOTIDE' 'C27 H33 N9 O15 P2'
SO4 non-polymer 'SULFATE ION' 'O4 S -2'
#
# COMPACT_ATOMS: atom_id res chain seq x y z
N THR A 8 25.05 -21.11 17.28
CA THR A 8 25.64 -21.53 18.60
C THR A 8 25.00 -20.76 19.81
N GLU A 9 25.60 -20.89 20.99
CA GLU A 9 25.16 -20.11 22.14
C GLU A 9 25.59 -18.65 22.04
N GLY A 10 26.90 -18.41 22.03
CA GLY A 10 27.49 -17.08 22.26
C GLY A 10 27.57 -16.11 21.08
N LYS A 11 26.68 -16.26 20.09
CA LYS A 11 26.31 -15.13 19.22
C LYS A 11 25.45 -14.15 20.04
N ARG A 12 25.44 -12.88 19.64
CA ARG A 12 24.72 -11.82 20.37
C ARG A 12 23.54 -11.27 19.54
N VAL A 13 22.36 -11.08 20.17
CA VAL A 13 21.18 -10.48 19.48
C VAL A 13 20.54 -9.30 20.24
N VAL A 14 20.17 -8.24 19.51
CA VAL A 14 19.47 -7.12 20.15
C VAL A 14 18.03 -7.01 19.67
N VAL A 15 17.13 -6.97 20.65
CA VAL A 15 15.71 -6.81 20.39
C VAL A 15 15.33 -5.37 20.62
N ILE A 16 14.86 -4.71 19.56
CA ILE A 16 14.37 -3.34 19.71
C ILE A 16 12.92 -3.51 20.15
N GLY A 17 12.56 -2.87 21.27
CA GLY A 17 11.22 -3.00 21.81
C GLY A 17 11.13 -4.08 22.90
N GLY A 18 10.59 -3.65 24.04
CA GLY A 18 10.31 -4.52 25.18
C GLY A 18 8.82 -4.63 25.39
N GLY A 19 8.11 -4.80 24.28
CA GLY A 19 6.68 -4.93 24.27
C GLY A 19 6.28 -6.37 24.43
N LEU A 20 5.05 -6.64 24.05
CA LEU A 20 4.50 -7.98 24.09
C LEU A 20 5.29 -9.00 23.27
N VAL A 21 5.58 -8.65 22.03
CA VAL A 21 6.25 -9.56 21.11
C VAL A 21 7.74 -9.52 21.40
N GLY A 22 8.25 -8.29 21.56
CA GLY A 22 9.65 -8.06 21.91
C GLY A 22 10.12 -8.86 23.12
N ALA A 23 9.33 -8.77 24.19
CA ALA A 23 9.61 -9.56 25.40
C ALA A 23 9.55 -11.09 25.16
N LEU A 24 8.49 -11.55 24.50
CA LEU A 24 8.34 -12.97 24.22
C LEU A 24 9.53 -13.48 23.43
N ASN A 25 9.84 -12.83 22.32
CA ASN A 25 10.96 -13.27 21.48
C ASN A 25 12.28 -13.33 22.27
N ALA A 26 12.49 -12.32 23.13
CA ALA A 26 13.62 -12.33 24.04
C ALA A 26 13.66 -13.66 24.81
N CYS A 27 12.54 -14.10 25.39
CA CYS A 27 12.54 -15.37 26.12
C CYS A 27 12.95 -16.55 25.21
N PHE A 28 12.22 -16.76 24.13
CA PHE A 28 12.57 -17.76 23.12
C PHE A 28 14.06 -17.77 22.77
N LEU A 29 14.65 -16.58 22.59
CA LEU A 29 16.07 -16.49 22.19
C LEU A 29 17.01 -16.82 23.35
N ALA A 30 16.73 -16.22 24.52
CA ALA A 30 17.44 -16.54 25.78
C ALA A 30 17.45 -18.03 26.11
N LYS A 31 16.29 -18.65 25.94
CA LYS A 31 16.12 -20.11 25.99
C LYS A 31 17.00 -20.92 25.01
N ARG A 32 17.53 -20.31 23.95
CA ARG A 32 18.54 -20.97 23.10
C ARG A 32 19.96 -20.54 23.46
N ASN A 33 20.14 -19.96 24.64
CA ASN A 33 21.47 -19.54 25.11
C ASN A 33 22.10 -18.41 24.25
N PHE A 34 21.29 -17.63 23.52
CA PHE A 34 21.80 -16.37 22.95
C PHE A 34 22.10 -15.35 24.05
N GLN A 35 23.00 -14.43 23.73
CA GLN A 35 23.20 -13.23 24.54
C GLN A 35 22.21 -12.23 24.00
N VAL A 36 21.11 -12.06 24.72
CA VAL A 36 20.03 -11.24 24.20
C VAL A 36 19.90 -9.97 25.03
N ASP A 37 20.09 -8.83 24.35
CA ASP A 37 19.90 -7.51 24.92
C ASP A 37 18.60 -6.89 24.35
N VAL A 38 17.68 -6.52 25.25
CA VAL A 38 16.40 -5.90 24.84
C VAL A 38 16.48 -4.40 25.12
N TYR A 39 16.15 -3.55 24.13
CA TYR A 39 16.13 -2.10 24.35
C TYR A 39 14.72 -1.51 24.27
N GLU A 40 14.25 -0.94 25.38
CA GLU A 40 12.87 -0.51 25.50
C GLU A 40 12.76 0.97 25.77
N ALA A 41 12.13 1.65 24.83
CA ALA A 41 11.92 3.11 24.87
C ALA A 41 11.36 3.58 26.22
N ARG A 42 10.21 3.07 26.62
CA ARG A 42 9.57 3.57 27.84
C ARG A 42 10.31 3.13 29.06
N GLU A 43 9.96 3.75 30.18
CA GLU A 43 10.46 3.31 31.49
C GLU A 43 9.77 2.02 31.88
N ASP A 44 10.44 1.22 32.70
CA ASP A 44 9.92 -0.07 33.11
C ASP A 44 8.52 0.05 33.70
N ILE A 45 7.59 -0.67 33.07
CA ILE A 45 6.17 -0.58 33.40
C ILE A 45 5.82 -1.24 34.74
N ARG A 46 6.66 -2.17 35.19
CA ARG A 46 6.44 -2.83 36.47
C ARG A 46 6.70 -1.91 37.67
N VAL A 47 7.56 -0.92 37.50
CA VAL A 47 7.71 0.16 38.47
C VAL A 47 6.79 1.35 38.07
N ALA A 48 6.92 1.90 36.85
CA ALA A 48 6.10 3.08 36.40
C ALA A 48 4.66 2.72 35.91
N ARG A 54 -1.89 0.40 24.74
CA ARG A 54 -2.78 0.91 23.71
C ARG A 54 -4.23 0.41 23.94
N SER A 55 -4.49 -0.90 23.81
CA SER A 55 -5.71 -1.53 24.39
C SER A 55 -5.55 -1.63 25.91
N ILE A 56 -6.56 -2.13 26.62
CA ILE A 56 -6.43 -2.38 28.07
C ILE A 56 -6.34 -3.89 28.30
N ASN A 57 -7.31 -4.61 27.73
CA ASN A 57 -7.27 -6.07 27.77
C ASN A 57 -7.60 -6.70 26.40
N LEU A 58 -6.85 -7.75 26.05
CA LEU A 58 -6.98 -8.43 24.76
C LEU A 58 -7.31 -9.91 24.86
N ALA A 59 -7.82 -10.38 23.71
CA ALA A 59 -8.27 -11.73 23.50
C ALA A 59 -7.10 -12.62 23.14
N LEU A 60 -6.92 -13.65 23.97
CA LEU A 60 -5.81 -14.59 23.84
C LEU A 60 -6.37 -15.93 23.46
N SER A 61 -5.81 -16.48 22.42
CA SER A 61 -6.37 -17.61 21.74
C SER A 61 -5.29 -18.69 21.58
N TYR A 62 -5.62 -19.71 20.81
CA TYR A 62 -4.76 -20.85 20.66
C TYR A 62 -3.36 -20.47 20.22
N ARG A 63 -3.23 -19.69 19.15
CA ARG A 63 -1.90 -19.42 18.57
C ARG A 63 -0.97 -18.72 19.55
N GLY A 64 -1.44 -17.65 20.17
CA GLY A 64 -0.71 -16.99 21.26
C GLY A 64 -0.33 -17.98 22.37
N ARG A 65 -1.30 -18.79 22.78
CA ARG A 65 -1.07 -19.73 23.87
C ARG A 65 -0.05 -20.81 23.56
N GLN A 66 -0.07 -21.35 22.36
CA GLN A 66 0.96 -22.28 21.91
C GLN A 66 2.34 -21.71 21.92
N ALA A 67 2.44 -20.42 21.61
CA ALA A 67 3.70 -19.75 21.68
C ALA A 67 4.08 -19.55 23.14
N LEU A 68 3.14 -19.11 23.97
CA LEU A 68 3.45 -18.98 25.39
C LEU A 68 3.95 -20.30 26.01
N LYS A 69 3.30 -21.38 25.60
CA LYS A 69 3.63 -22.76 26.05
C LYS A 69 5.08 -23.17 25.80
N ALA A 70 5.62 -22.77 24.66
CA ALA A 70 7.01 -23.08 24.31
C ALA A 70 8.10 -22.44 25.20
N VAL A 71 7.73 -21.40 25.95
CA VAL A 71 8.62 -20.74 26.91
C VAL A 71 8.16 -21.02 28.35
N GLY A 72 7.15 -21.89 28.49
CA GLY A 72 6.64 -22.27 29.79
C GLY A 72 5.91 -21.16 30.52
N LEU A 73 5.40 -20.19 29.78
CA LEU A 73 4.61 -19.10 30.36
C LEU A 73 3.10 -19.21 30.12
N GLU A 74 2.61 -20.24 29.45
CA GLU A 74 1.18 -20.34 29.19
C GLU A 74 0.41 -20.28 30.51
N ASP A 75 0.75 -21.17 31.43
CA ASP A 75 0.00 -21.33 32.67
C ASP A 75 -0.09 -20.02 33.47
N GLN A 76 1.03 -19.34 33.66
CA GLN A 76 1.02 -18.08 34.40
C GLN A 76 0.08 -17.05 33.77
N ILE A 77 0.03 -16.96 32.45
CA ILE A 77 -0.81 -15.97 31.77
C ILE A 77 -2.26 -16.46 31.84
N VAL A 78 -2.48 -17.74 31.62
CA VAL A 78 -3.82 -18.27 31.58
C VAL A 78 -4.56 -18.03 32.89
N SER A 79 -3.80 -18.03 33.97
CA SER A 79 -4.35 -17.93 35.32
C SER A 79 -4.88 -16.54 35.68
N LYS A 80 -4.25 -15.52 35.13
CA LYS A 80 -4.71 -14.16 35.30
C LYS A 80 -5.74 -13.74 34.25
N GLY A 81 -6.15 -14.63 33.35
CA GLY A 81 -7.17 -14.33 32.35
C GLY A 81 -8.55 -14.76 32.78
N VAL A 82 -9.59 -14.21 32.16
CA VAL A 82 -10.96 -14.67 32.36
C VAL A 82 -11.41 -15.34 31.07
N PRO A 83 -11.89 -16.58 31.13
CA PRO A 83 -12.40 -17.25 29.92
C PRO A 83 -13.59 -16.57 29.26
N MET A 84 -13.70 -16.71 27.94
CA MET A 84 -14.91 -16.32 27.22
C MET A 84 -15.34 -17.53 26.41
N LYS A 85 -16.40 -18.18 26.87
CA LYS A 85 -16.90 -19.42 26.30
C LYS A 85 -17.90 -19.10 25.16
N ALA A 86 -18.32 -17.84 25.05
CA ALA A 86 -19.33 -17.47 24.07
C ALA A 86 -19.36 -16.00 23.69
N ARG A 87 -20.01 -15.72 22.58
CA ARG A 87 -20.32 -14.37 22.20
C ARG A 87 -21.66 -14.07 22.84
N MET A 88 -21.83 -12.84 23.30
CA MET A 88 -23.08 -12.39 23.86
C MET A 88 -23.43 -11.08 23.15
N ILE A 89 -24.54 -11.12 22.43
CA ILE A 89 -24.92 -10.11 21.44
C ILE A 89 -26.11 -9.29 21.90
N HIS A 90 -25.88 -7.99 21.98
CA HIS A 90 -26.80 -7.05 22.57
C HIS A 90 -27.52 -6.41 21.40
N SER A 91 -28.72 -6.92 21.12
CA SER A 91 -29.56 -6.40 20.06
C SER A 91 -29.98 -4.93 20.33
N LEU A 92 -30.46 -4.27 19.28
CA LEU A 92 -30.93 -2.87 19.39
C LEU A 92 -32.19 -2.84 20.25
N SER A 93 -33.13 -3.72 19.92
CA SER A 93 -34.29 -3.98 20.76
C SER A 93 -33.92 -4.20 22.25
N GLY A 94 -32.74 -4.77 22.51
CA GLY A 94 -32.28 -5.08 23.87
C GLY A 94 -32.10 -6.57 24.10
N LYS A 95 -32.62 -7.39 23.18
CA LYS A 95 -32.49 -8.86 23.28
C LYS A 95 -31.01 -9.27 23.37
N LYS A 96 -30.71 -10.08 24.37
CA LYS A 96 -29.37 -10.58 24.60
C LYS A 96 -29.27 -11.99 24.06
N SER A 97 -28.59 -12.17 22.93
CA SER A 97 -28.49 -13.49 22.31
C SER A 97 -27.07 -14.06 22.39
N ALA A 98 -26.91 -15.29 22.86
CA ALA A 98 -25.56 -15.90 23.05
C ALA A 98 -25.22 -17.00 22.02
N ILE A 99 -23.98 -16.99 21.51
CA ILE A 99 -23.53 -18.07 20.63
C ILE A 99 -22.15 -18.55 21.03
N PRO A 100 -21.99 -19.87 21.23
CA PRO A 100 -20.71 -20.39 21.75
C PRO A 100 -19.54 -20.27 20.79
N TYR A 101 -18.34 -20.18 21.37
CA TYR A 101 -17.10 -20.37 20.62
C TYR A 101 -16.91 -21.86 20.42
N GLY A 102 -17.33 -22.35 19.26
CA GLY A 102 -17.05 -23.72 18.83
C GLY A 102 -17.55 -24.72 19.83
N ASN A 103 -16.85 -25.85 19.93
CA ASN A 103 -17.18 -26.91 20.92
C ASN A 103 -16.93 -26.44 22.38
N LYS A 104 -17.20 -27.31 23.33
CA LYS A 104 -17.18 -26.99 24.77
C LYS A 104 -15.75 -26.84 25.33
N SER A 105 -14.79 -27.58 24.72
CA SER A 105 -13.35 -27.49 25.01
C SER A 105 -12.66 -26.24 24.46
N GLN A 106 -13.33 -25.46 23.61
CA GLN A 106 -12.68 -24.33 22.93
C GLN A 106 -13.27 -23.03 23.42
N TYR A 107 -12.40 -22.19 23.96
CA TYR A 107 -12.83 -20.89 24.47
C TYR A 107 -11.64 -19.97 24.34
N ILE A 108 -11.89 -18.75 23.87
CA ILE A 108 -10.87 -17.72 23.90
C ILE A 108 -10.84 -17.24 25.32
N LEU A 109 -9.77 -16.51 25.70
CA LEU A 109 -9.77 -15.88 27.02
C LEU A 109 -9.19 -14.48 27.06
N SER A 110 -9.87 -13.67 27.88
CA SER A 110 -9.56 -12.27 28.05
C SER A 110 -8.43 -12.11 29.02
N ILE A 111 -7.37 -11.44 28.58
CA ILE A 111 -6.24 -11.13 29.49
C ILE A 111 -5.89 -9.66 29.41
N SER A 112 -5.10 -9.14 30.36
CA SER A 112 -4.80 -7.73 30.37
C SER A 112 -3.47 -7.44 29.67
N ARG A 113 -3.43 -6.38 28.86
CA ARG A 113 -2.18 -5.90 28.21
C ARG A 113 -1.02 -5.86 29.23
N GLU A 114 -1.24 -5.15 30.35
CA GLU A 114 -0.14 -4.78 31.24
C GLU A 114 0.38 -5.98 31.98
N LYS A 115 -0.51 -6.70 32.66
CA LYS A 115 -0.14 -7.96 33.31
C LYS A 115 0.65 -8.87 32.34
N LEU A 116 0.17 -8.94 31.09
CA LEU A 116 0.83 -9.76 30.11
C LEU A 116 2.24 -9.24 29.88
N ASN A 117 2.38 -7.94 29.61
CA ASN A 117 3.71 -7.37 29.36
C ASN A 117 4.68 -7.54 30.56
N LYS A 118 4.14 -7.34 31.76
CA LYS A 118 4.94 -7.35 32.99
C LYS A 118 5.56 -8.69 33.30
N ASP A 119 4.72 -9.74 33.29
CA ASP A 119 5.21 -11.10 33.50
C ASP A 119 6.24 -11.44 32.43
N LEU A 120 6.07 -10.89 31.24
CA LEU A 120 7.01 -11.16 30.18
C LEU A 120 8.35 -10.49 30.43
N LEU A 121 8.34 -9.22 30.81
CA LEU A 121 9.62 -8.56 31.08
C LEU A 121 10.37 -9.24 32.23
N THR A 122 9.61 -9.75 33.19
CA THR A 122 10.18 -10.53 34.31
C THR A 122 10.71 -11.93 33.84
N ALA A 123 9.92 -12.61 33.01
CA ALA A 123 10.41 -13.81 32.29
C ALA A 123 11.69 -13.57 31.49
N VAL A 124 11.83 -12.42 30.83
CA VAL A 124 13.10 -12.05 30.17
C VAL A 124 14.26 -12.10 31.16
N GLU A 125 14.06 -11.40 32.27
CA GLU A 125 15.09 -11.25 33.29
C GLU A 125 15.47 -12.54 34.02
N SER A 126 14.50 -13.42 34.27
CA SER A 126 14.81 -14.78 34.76
C SER A 126 15.97 -15.55 34.04
N TYR A 127 16.22 -15.28 32.76
CA TYR A 127 17.36 -15.87 32.02
C TYR A 127 18.58 -14.98 32.30
N PRO A 128 19.62 -15.52 32.98
CA PRO A 128 20.74 -14.63 33.31
C PRO A 128 21.44 -14.13 32.03
N ASN A 129 21.36 -14.92 30.94
CA ASN A 129 21.92 -14.54 29.65
C ASN A 129 21.04 -13.59 28.84
N ALA A 130 20.18 -12.84 29.54
CA ALA A 130 19.29 -11.84 28.93
C ALA A 130 19.17 -10.57 29.80
N LYS A 131 19.26 -9.40 29.19
CA LYS A 131 19.10 -8.15 29.90
C LYS A 131 18.16 -7.31 29.10
N VAL A 132 17.55 -6.38 29.79
CA VAL A 132 16.53 -5.54 29.19
C VAL A 132 16.80 -4.12 29.62
N HIS A 133 17.19 -3.30 28.65
CA HIS A 133 17.70 -1.96 28.88
C HIS A 133 16.60 -0.91 28.74
N PHE A 134 15.95 -0.60 29.85
CA PHE A 134 14.80 0.30 29.84
C PHE A 134 15.23 1.75 29.61
N GLY A 135 14.32 2.58 29.12
CA GLY A 135 14.64 3.98 28.84
C GLY A 135 15.64 4.16 27.71
N HIS A 136 15.84 3.14 26.88
CA HIS A 136 16.70 3.21 25.70
C HIS A 136 15.84 3.26 24.45
N LYS A 137 16.02 4.31 23.64
CA LYS A 137 15.31 4.47 22.38
C LYS A 137 16.26 4.16 21.22
N LEU A 138 15.71 3.96 20.03
CA LEU A 138 16.47 3.84 18.80
C LEU A 138 16.17 5.07 17.97
N SER A 139 17.20 5.85 17.64
CA SER A 139 16.95 7.11 17.03
C SER A 139 16.61 6.93 15.58
N LYS A 140 15.92 7.95 15.11
CA LYS A 140 15.37 8.06 13.77
C LYS A 140 16.47 7.91 12.69
N CYS A 141 17.62 8.57 12.91
CA CYS A 141 18.81 8.44 12.03
C CYS A 141 19.50 7.08 12.17
N ILE A 147 20.93 4.10 12.92
CA ILE A 147 21.08 3.04 13.92
C ILE A 147 22.00 3.39 15.18
N LEU A 148 21.47 4.24 16.05
CA LEU A 148 22.08 4.55 17.34
C LEU A 148 21.03 4.27 18.38
N THR A 149 21.35 3.55 19.47
CA THR A 149 20.41 3.37 20.59
C THR A 149 20.85 4.41 21.66
N MET A 150 19.92 5.26 22.10
CA MET A 150 20.19 6.23 23.15
C MET A 150 20.09 5.58 24.51
N LEU A 151 20.89 6.08 25.46
CA LEU A 151 20.85 5.66 26.88
C LEU A 151 19.72 6.47 27.52
N GLY A 152 19.56 6.32 28.85
CA GLY A 152 18.79 7.26 29.66
C GLY A 152 18.91 8.71 29.21
N PRO A 153 20.10 9.34 29.38
CA PRO A 153 20.25 10.70 28.86
C PRO A 153 20.35 10.70 27.34
N ASN A 154 19.42 11.40 26.70
CA ASN A 154 19.38 11.61 25.25
C ASN A 154 20.75 12.05 24.74
N LYS A 155 20.90 12.01 23.41
CA LYS A 155 22.19 12.19 22.71
C LYS A 155 23.39 11.61 23.51
N VAL A 156 23.22 10.39 24.05
CA VAL A 156 24.35 9.57 24.54
C VAL A 156 24.52 8.42 23.53
N PRO A 157 24.86 8.74 22.26
CA PRO A 157 24.90 7.71 21.22
C PRO A 157 25.86 6.62 21.62
N ARG A 158 25.32 5.54 22.15
CA ARG A 158 26.12 4.38 22.51
C ARG A 158 25.44 3.06 22.09
N ASP A 159 25.13 2.95 20.81
CA ASP A 159 24.77 1.63 20.23
C ASP A 159 25.93 0.66 20.38
N ILE A 160 25.65 -0.61 20.15
CA ILE A 160 26.69 -1.60 20.14
C ILE A 160 26.25 -2.82 19.33
N THR A 161 27.19 -3.35 18.58
CA THR A 161 26.91 -4.27 17.47
C THR A 161 26.55 -5.68 17.94
N CYS A 162 26.09 -6.49 16.99
CA CYS A 162 25.53 -7.82 17.26
C CYS A 162 25.36 -8.63 15.99
N ASP A 163 25.04 -9.91 16.13
CA ASP A 163 24.83 -10.80 14.95
C ASP A 163 23.39 -10.79 14.46
N LEU A 164 22.49 -10.16 15.22
CA LEU A 164 21.07 -10.10 14.86
C LEU A 164 20.38 -8.93 15.56
N ILE A 165 19.62 -8.18 14.77
CA ILE A 165 18.79 -7.11 15.29
C ILE A 165 17.32 -7.51 14.99
N VAL A 166 16.51 -7.63 16.04
CA VAL A 166 15.09 -8.03 15.91
C VAL A 166 14.22 -6.80 16.17
N GLY A 167 13.47 -6.40 15.14
CA GLY A 167 12.59 -5.24 15.26
C GLY A 167 11.32 -5.72 15.91
N CYS A 168 11.09 -5.38 17.17
CA CYS A 168 9.79 -5.59 17.74
C CYS A 168 9.36 -4.26 18.33
N ASP A 169 9.49 -3.21 17.51
CA ASP A 169 9.23 -1.83 17.93
C ASP A 169 7.82 -1.39 17.56
N GLY A 170 6.94 -2.35 17.28
CA GLY A 170 5.53 -2.07 17.15
C GLY A 170 5.19 -1.49 15.80
N ALA A 171 3.95 -1.03 15.67
CA ALA A 171 3.38 -0.62 14.40
C ALA A 171 4.10 0.57 13.77
N TYR A 172 4.68 1.44 14.59
CA TYR A 172 5.39 2.63 14.12
C TYR A 172 6.86 2.34 14.31
N SER A 173 7.33 1.30 13.61
CA SER A 173 8.66 0.71 13.86
C SER A 173 9.75 1.57 13.27
N THR A 174 10.75 1.89 14.08
CA THR A 174 11.97 2.47 13.57
C THR A 174 12.78 1.47 12.72
N VAL A 175 12.96 0.23 13.19
CA VAL A 175 13.72 -0.73 12.40
C VAL A 175 13.16 -0.84 10.99
N ARG A 176 11.84 -1.02 10.87
CA ARG A 176 11.21 -1.10 9.56
C ARG A 176 11.52 0.14 8.72
N ALA A 177 11.62 1.31 9.35
CA ALA A 177 11.87 2.55 8.60
C ALA A 177 13.20 2.54 7.86
N HIS A 178 14.23 1.90 8.43
CA HIS A 178 15.49 1.68 7.71
C HIS A 178 15.27 0.70 6.54
N LEU A 179 14.80 -0.49 6.86
CA LEU A 179 14.44 -1.50 5.84
C LEU A 179 13.58 -1.04 4.66
N MET A 180 12.72 -0.06 4.90
CA MET A 180 11.90 0.57 3.84
C MET A 180 12.75 1.27 2.77
N LYS A 181 13.90 1.84 3.17
CA LYS A 181 14.80 2.52 2.23
C LYS A 181 15.65 1.51 1.47
N LYS A 182 15.80 0.28 1.98
CA LYS A 182 16.47 -0.83 1.27
C LYS A 182 15.72 -1.24 0.00
N PRO A 183 16.35 -2.06 -0.85
CA PRO A 183 15.78 -2.29 -2.18
C PRO A 183 14.81 -3.46 -2.25
N ARG A 184 13.96 -3.42 -3.28
CA ARG A 184 12.87 -4.40 -3.52
C ARG A 184 11.98 -4.68 -2.29
N PHE A 185 11.78 -3.63 -1.47
CA PHE A 185 11.01 -3.68 -0.24
C PHE A 185 9.68 -3.05 -0.54
N ASP A 186 8.64 -3.89 -0.58
CA ASP A 186 7.25 -3.47 -0.72
C ASP A 186 6.66 -3.14 0.66
N TYR A 187 5.90 -2.05 0.74
CA TYR A 187 5.44 -1.51 2.00
C TYR A 187 4.16 -0.72 1.80
N SER A 188 3.20 -0.81 2.73
CA SER A 188 1.97 -0.01 2.63
C SER A 188 1.29 0.24 3.95
N GLN A 189 0.78 1.46 4.10
CA GLN A 189 0.31 2.00 5.36
C GLN A 189 -0.97 2.77 5.09
N GLN A 190 -2.02 2.35 5.77
CA GLN A 190 -3.35 2.81 5.48
C GLN A 190 -3.95 3.11 6.84
N TYR A 191 -4.35 4.36 7.08
CA TYR A 191 -5.19 4.67 8.25
C TYR A 191 -6.61 4.51 7.82
N ILE A 192 -7.39 3.68 8.52
CA ILE A 192 -8.80 3.46 8.18
C ILE A 192 -9.71 4.60 8.71
N PRO A 193 -10.91 4.76 8.12
CA PRO A 193 -11.87 5.80 8.52
C PRO A 193 -12.31 5.74 9.98
N HIS A 194 -12.40 4.52 10.53
CA HIS A 194 -12.79 4.33 11.93
C HIS A 194 -11.68 4.56 12.95
N GLY A 195 -12.10 4.92 14.14
CA GLY A 195 -11.20 5.10 15.26
C GLY A 195 -11.81 4.43 16.47
N TYR A 196 -11.02 4.21 17.52
CA TYR A 196 -11.54 3.48 18.68
C TYR A 196 -11.37 4.22 19.99
N MET A 197 -12.32 4.03 20.90
CA MET A 197 -12.21 4.63 22.23
C MET A 197 -12.70 3.68 23.32
N GLU A 198 -11.92 3.61 24.41
CA GLU A 198 -12.16 2.69 25.54
C GLU A 198 -13.12 3.30 26.59
N LEU A 199 -13.96 2.46 27.18
CA LEU A 199 -15.00 2.86 28.14
C LEU A 199 -15.31 1.69 29.06
N THR A 200 -15.24 1.93 30.38
CA THR A 200 -15.38 0.84 31.36
C THR A 200 -16.83 0.63 31.87
N ILE A 201 -17.20 -0.64 32.05
CA ILE A 201 -18.44 -1.04 32.72
C ILE A 201 -18.02 -1.57 34.09
N PRO A 202 -18.39 -0.86 35.19
CA PRO A 202 -17.96 -1.27 36.53
C PRO A 202 -18.81 -2.42 37.12
N PRO A 203 -18.40 -2.90 38.30
CA PRO A 203 -19.24 -3.88 38.99
C PRO A 203 -20.49 -3.22 39.55
N LYS A 204 -21.63 -3.90 39.39
CA LYS A 204 -22.88 -3.53 40.05
C LYS A 204 -22.91 -4.25 41.39
N ASN A 205 -22.71 -3.49 42.46
CA ASN A 205 -22.73 -4.05 43.81
C ASN A 205 -21.72 -5.21 43.89
N GLY A 206 -20.46 -4.87 43.60
CA GLY A 206 -19.33 -5.80 43.72
C GLY A 206 -19.33 -7.09 42.90
N GLU A 207 -20.26 -7.22 41.95
CA GLU A 207 -20.34 -8.36 41.04
C GLU A 207 -20.35 -7.85 39.62
N TYR A 208 -19.88 -8.67 38.67
CA TYR A 208 -19.90 -8.31 37.25
C TYR A 208 -21.29 -7.78 36.85
N ALA A 209 -21.37 -6.70 36.07
CA ALA A 209 -22.68 -6.18 35.66
C ALA A 209 -23.33 -6.97 34.53
N MET A 210 -22.58 -7.93 33.93
CA MET A 210 -23.04 -8.79 32.82
C MET A 210 -22.40 -10.17 32.91
N GLU A 211 -22.75 -11.05 31.99
CA GLU A 211 -22.43 -12.46 32.09
C GLU A 211 -20.94 -12.55 31.77
N PRO A 212 -20.10 -12.83 32.77
CA PRO A 212 -18.68 -12.54 32.59
C PRO A 212 -17.88 -13.53 31.76
N ASN A 213 -18.44 -14.66 31.33
CA ASN A 213 -17.68 -15.55 30.44
C ASN A 213 -18.20 -15.54 29.02
N CYS A 214 -18.28 -14.31 28.52
CA CYS A 214 -18.74 -13.98 27.20
C CYS A 214 -17.95 -12.80 26.69
N LEU A 215 -17.70 -12.79 25.38
CA LEU A 215 -17.31 -11.57 24.68
C LEU A 215 -18.60 -10.82 24.42
N HIS A 216 -18.72 -9.58 24.88
CA HIS A 216 -19.95 -8.84 24.65
C HIS A 216 -19.88 -8.00 23.41
N ILE A 217 -20.84 -8.14 22.50
CA ILE A 217 -20.89 -7.30 21.30
C ILE A 217 -22.22 -6.54 21.21
N TRP A 218 -22.12 -5.28 20.77
CA TRP A 218 -23.25 -4.40 20.43
C TRP A 218 -23.10 -3.99 18.96
N PRO A 219 -23.46 -4.89 18.02
CA PRO A 219 -23.11 -4.65 16.64
C PRO A 219 -24.19 -3.85 15.96
N ARG A 220 -23.86 -2.63 15.57
CA ARG A 220 -24.71 -1.79 14.71
C ARG A 220 -24.06 -1.79 13.33
N ASN A 221 -24.45 -0.90 12.41
CA ASN A 221 -23.82 -0.88 11.06
C ASN A 221 -22.56 0.02 11.01
N ALA A 222 -22.74 1.32 11.05
CA ALA A 222 -21.59 2.24 11.09
C ALA A 222 -20.80 2.16 12.41
N PHE A 223 -21.40 1.63 13.50
CA PHE A 223 -20.76 1.59 14.82
C PHE A 223 -20.67 0.17 15.33
N MET A 224 -19.83 0.00 16.36
CA MET A 224 -19.63 -1.30 17.02
C MET A 224 -19.08 -1.10 18.42
N MET A 225 -19.60 -1.83 19.38
CA MET A 225 -18.94 -1.90 20.68
C MET A 225 -18.71 -3.35 21.06
N ILE A 226 -17.55 -3.62 21.65
CA ILE A 226 -17.31 -4.94 22.25
C ILE A 226 -16.84 -4.68 23.66
N ALA A 227 -16.98 -5.67 24.52
CA ALA A 227 -16.50 -5.56 25.88
C ALA A 227 -15.93 -6.86 26.35
N LEU A 228 -14.80 -6.73 27.02
CA LEU A 228 -14.06 -7.88 27.47
C LEU A 228 -13.95 -7.78 28.99
N PRO A 229 -14.09 -8.90 29.72
CA PRO A 229 -14.02 -8.96 31.18
C PRO A 229 -12.62 -8.96 31.79
N ASN A 230 -12.41 -8.07 32.77
CA ASN A 230 -11.25 -8.05 33.66
C ASN A 230 -11.56 -8.90 34.92
N MET A 231 -10.58 -9.07 35.81
CA MET A 231 -10.80 -9.91 36.97
C MET A 231 -11.60 -9.13 38.00
N ASP A 232 -11.07 -7.98 38.43
CA ASP A 232 -11.84 -6.99 39.22
C ASP A 232 -13.13 -6.79 38.47
N LYS A 233 -14.24 -7.14 39.09
CA LYS A 233 -15.43 -7.51 38.33
C LYS A 233 -16.00 -6.35 37.51
N SER A 234 -15.54 -6.24 36.28
CA SER A 234 -15.75 -5.08 35.40
C SER A 234 -15.63 -5.54 33.96
N PHE A 235 -15.80 -4.63 33.01
CA PHE A 235 -15.47 -4.93 31.64
C PHE A 235 -14.89 -3.67 31.11
N THR A 236 -13.98 -3.83 30.16
CA THR A 236 -13.56 -2.71 29.36
C THR A 236 -14.18 -2.93 28.00
N CYS A 237 -14.90 -1.89 27.59
CA CYS A 237 -15.51 -1.79 26.27
C CYS A 237 -14.63 -0.96 25.38
N THR A 238 -14.53 -1.33 24.11
CA THR A 238 -13.92 -0.45 23.14
C THR A 238 -14.99 -0.18 22.08
N LEU A 239 -15.03 1.08 21.67
CA LEU A 239 -16.05 1.58 20.76
C LEU A 239 -15.42 1.98 19.41
N PHE A 240 -15.89 1.30 18.36
CA PHE A 240 -15.55 1.64 17.01
C PHE A 240 -16.66 2.40 16.32
N MET A 241 -16.30 3.54 15.76
CA MET A 241 -17.13 4.26 14.80
C MET A 241 -16.22 5.17 13.97
N SER A 242 -16.65 5.52 12.76
CA SER A 242 -15.91 6.44 11.89
C SER A 242 -15.69 7.80 12.57
N PHE A 243 -14.46 8.32 12.52
CA PHE A 243 -14.12 9.66 13.04
C PHE A 243 -15.16 10.72 12.70
N GLU A 244 -15.83 10.52 11.56
CA GLU A 244 -17.06 11.27 11.18
C GLU A 244 -18.00 11.42 12.39
N GLU A 245 -18.63 10.32 12.85
CA GLU A 245 -19.58 10.39 13.98
C GLU A 245 -18.95 10.90 15.27
N PHE A 246 -17.71 10.52 15.54
CA PHE A 246 -16.98 11.11 16.66
C PHE A 246 -16.94 12.65 16.60
N GLU A 247 -16.89 13.19 15.38
CA GLU A 247 -17.02 14.65 15.17
C GLU A 247 -18.39 15.16 15.67
N LYS A 248 -19.46 14.41 15.39
CA LYS A 248 -20.85 14.88 15.60
C LYS A 248 -21.36 14.82 17.04
N LEU A 249 -20.56 14.27 17.94
CA LEU A 249 -20.88 14.21 19.36
C LEU A 249 -19.80 14.96 20.16
N PRO A 250 -19.71 16.30 19.97
CA PRO A 250 -18.78 17.14 20.75
C PRO A 250 -19.29 17.52 22.17
N THR A 251 -20.59 17.28 22.42
CA THR A 251 -21.24 17.57 23.72
C THR A 251 -21.89 16.36 24.41
N HIS A 252 -22.01 16.49 25.73
CA HIS A 252 -22.45 15.42 26.61
C HIS A 252 -23.89 14.99 26.29
N SER A 253 -24.72 15.96 25.92
CA SER A 253 -26.08 15.66 25.46
C SER A 253 -26.06 14.85 24.17
N ASP A 254 -25.13 15.14 23.26
CA ASP A 254 -24.98 14.35 22.01
C ASP A 254 -24.63 12.88 22.30
N VAL A 255 -23.69 12.70 23.23
CA VAL A 255 -23.20 11.39 23.64
C VAL A 255 -24.34 10.56 24.24
N LEU A 256 -25.02 11.16 25.21
CA LEU A 256 -26.19 10.57 25.85
C LEU A 256 -27.26 10.24 24.79
N ASP A 257 -27.63 11.24 23.98
CA ASP A 257 -28.59 11.06 22.86
C ASP A 257 -28.24 9.87 21.99
N PHE A 258 -26.94 9.78 21.68
CA PHE A 258 -26.41 8.72 20.84
C PHE A 258 -26.60 7.37 21.53
N PHE A 259 -26.02 7.27 22.73
CA PHE A 259 -26.07 6.00 23.49
C PHE A 259 -27.51 5.54 23.70
N GLN A 260 -28.40 6.49 24.00
CA GLN A 260 -29.83 6.18 24.13
C GLN A 260 -30.42 5.66 22.81
N LYS A 261 -30.00 6.24 21.68
CA LYS A 261 -30.51 5.85 20.36
C LYS A 261 -30.00 4.46 19.92
N ASN A 262 -28.69 4.26 20.02
CA ASN A 262 -27.99 3.09 19.44
C ASN A 262 -27.62 1.98 20.44
N PHE A 263 -27.21 2.38 21.65
CA PHE A 263 -26.77 1.45 22.70
C PHE A 263 -27.65 1.61 23.94
N PRO A 264 -28.91 1.14 23.88
CA PRO A 264 -29.90 1.43 24.92
C PRO A 264 -29.52 0.93 26.31
N ASP A 265 -29.10 -0.34 26.40
CA ASP A 265 -28.83 -0.99 27.67
C ASP A 265 -27.47 -0.65 28.31
N ALA A 266 -26.57 0.01 27.58
CA ALA A 266 -25.26 0.39 28.13
C ALA A 266 -25.30 1.42 29.28
N ILE A 267 -26.18 2.40 29.14
CA ILE A 267 -26.17 3.54 30.05
C ILE A 267 -26.34 3.15 31.53
N PRO A 268 -27.30 2.27 31.85
CA PRO A 268 -27.33 1.77 33.23
C PRO A 268 -26.08 0.98 33.62
N LEU A 269 -25.49 0.22 32.69
CA LEU A 269 -24.38 -0.71 33.00
C LEU A 269 -23.12 0.06 33.29
N MET A 270 -22.76 0.96 32.37
CA MET A 270 -21.68 1.94 32.59
C MET A 270 -22.24 2.99 33.53
N GLY A 271 -21.34 3.72 34.20
CA GLY A 271 -21.75 4.94 34.91
C GLY A 271 -22.36 5.98 33.96
N GLU A 272 -23.64 6.33 34.16
CA GLU A 272 -24.33 7.33 33.31
C GLU A 272 -23.64 8.71 33.23
N GLN A 273 -22.90 9.08 34.28
CA GLN A 273 -22.15 10.33 34.30
C GLN A 273 -20.65 10.09 34.13
N ALA A 274 -20.12 8.95 34.60
CA ALA A 274 -18.70 8.59 34.34
C ALA A 274 -18.40 8.26 32.85
N LEU A 275 -19.44 7.80 32.14
CA LEU A 275 -19.48 7.70 30.67
C LEU A 275 -18.95 8.97 30.02
N MET A 276 -19.51 10.12 30.44
CA MET A 276 -19.11 11.45 29.96
C MET A 276 -17.67 11.87 30.32
N ARG A 277 -17.17 11.48 31.51
CA ARG A 277 -15.76 11.74 31.89
C ARG A 277 -14.86 10.91 30.99
N ASP A 278 -15.20 9.63 30.85
CA ASP A 278 -14.36 8.70 30.08
C ASP A 278 -14.37 8.99 28.55
N PHE A 279 -15.54 9.35 27.98
CA PHE A 279 -15.65 9.67 26.53
C PHE A 279 -14.76 10.84 26.14
N PHE A 280 -14.85 11.92 26.91
CA PHE A 280 -14.09 13.13 26.60
C PHE A 280 -12.72 13.17 27.28
N LEU A 281 -12.20 12.00 27.65
CA LEU A 281 -10.94 11.93 28.36
C LEU A 281 -9.79 12.10 27.37
N LEU A 282 -9.85 11.37 26.25
CA LEU A 282 -8.96 11.64 25.09
C LEU A 282 -9.59 11.18 23.74
N PRO A 283 -9.01 11.61 22.60
CA PRO A 283 -9.76 11.47 21.34
C PRO A 283 -9.68 10.09 20.71
N ALA A 284 -10.72 9.73 19.96
CA ALA A 284 -10.80 8.45 19.27
C ALA A 284 -9.48 8.15 18.59
N GLN A 285 -8.97 6.96 18.85
CA GLN A 285 -7.65 6.55 18.47
C GLN A 285 -7.66 6.06 17.04
N PRO A 286 -6.62 6.42 16.27
CA PRO A 286 -6.56 5.99 14.87
C PRO A 286 -5.99 4.59 14.77
N MET A 287 -6.54 3.81 13.87
CA MET A 287 -6.11 2.47 13.65
C MET A 287 -5.39 2.50 12.31
N ILE A 288 -4.29 1.76 12.25
CA ILE A 288 -3.39 1.79 11.14
C ILE A 288 -3.28 0.38 10.66
N SER A 289 -3.02 0.25 9.37
CA SER A 289 -2.75 -1.02 8.74
C SER A 289 -1.42 -0.82 8.06
N VAL A 290 -0.43 -1.63 8.38
CA VAL A 290 0.78 -1.66 7.57
C VAL A 290 1.02 -3.08 7.12
N LYS A 291 1.30 -3.22 5.83
CA LYS A 291 1.87 -4.44 5.29
C LYS A 291 3.27 -4.13 4.84
N CYS A 292 4.11 -5.16 4.88
CA CYS A 292 5.37 -5.09 4.14
C CYS A 292 5.89 -6.46 3.72
N SER A 293 6.83 -6.43 2.77
CA SER A 293 7.52 -7.62 2.31
C SER A 293 8.84 -7.25 1.65
N PRO A 294 9.92 -7.98 1.95
CA PRO A 294 10.01 -9.11 2.90
C PRO A 294 10.22 -8.68 4.35
N PHE A 295 10.39 -9.63 5.28
CA PHE A 295 10.53 -9.30 6.71
C PHE A 295 11.95 -9.26 7.23
N HIS A 296 12.93 -9.48 6.35
CA HIS A 296 14.31 -9.69 6.77
C HIS A 296 15.31 -9.08 5.82
N LEU A 297 16.54 -8.96 6.29
CA LEU A 297 17.64 -8.43 5.47
C LEU A 297 18.94 -9.16 5.73
N LYS A 298 19.30 -10.02 4.79
CA LYS A 298 20.63 -10.63 4.72
C LYS A 298 21.13 -11.10 6.08
N SER A 299 20.31 -11.87 6.79
CA SER A 299 20.74 -12.53 8.05
C SER A 299 21.32 -11.64 9.19
N ARG A 300 21.14 -10.33 9.06
CA ARG A 300 21.56 -9.34 10.06
C ARG A 300 20.35 -8.66 10.76
N CYS A 301 19.17 -8.66 10.11
CA CYS A 301 18.00 -8.01 10.64
C CYS A 301 16.72 -8.69 10.20
N VAL A 302 15.72 -8.66 11.10
CA VAL A 302 14.39 -9.27 10.92
C VAL A 302 13.33 -8.53 11.75
N LEU A 303 12.15 -8.40 11.15
CA LEU A 303 10.99 -7.68 11.73
C LEU A 303 10.03 -8.73 12.28
N MET A 304 9.30 -8.37 13.32
CA MET A 304 8.33 -9.27 13.93
C MET A 304 7.19 -8.56 14.68
N GLY A 305 6.01 -9.15 14.54
CA GLY A 305 4.82 -8.67 15.20
C GLY A 305 4.27 -7.46 14.49
N ASP A 306 3.86 -6.46 15.26
CA ASP A 306 3.29 -5.23 14.70
C ASP A 306 4.30 -4.48 13.83
N ALA A 307 5.61 -4.65 14.06
CA ALA A 307 6.63 -4.05 13.15
C ALA A 307 6.60 -4.66 11.75
N ALA A 308 6.39 -5.97 11.69
CA ALA A 308 6.14 -6.65 10.43
C ALA A 308 4.71 -6.48 9.85
N HIS A 309 3.69 -6.45 10.71
CA HIS A 309 2.31 -6.45 10.26
C HIS A 309 1.41 -5.82 11.28
N ALA A 310 1.00 -4.59 11.04
CA ALA A 310 0.06 -3.93 11.93
C ALA A 310 -1.28 -4.13 11.30
N ILE A 311 -2.12 -4.95 11.93
CA ILE A 311 -3.51 -5.15 11.44
C ILE A 311 -4.60 -4.38 12.22
N VAL A 312 -5.66 -4.01 11.50
CA VAL A 312 -6.86 -3.47 12.14
C VAL A 312 -7.46 -4.51 13.08
N PRO A 313 -7.92 -4.08 14.27
CA PRO A 313 -8.31 -4.98 15.35
C PRO A 313 -9.74 -5.44 15.26
N PHE A 314 -9.99 -6.29 14.27
CA PHE A 314 -11.30 -6.87 14.02
C PHE A 314 -11.26 -8.38 13.85
N PHE A 315 -10.24 -9.04 14.42
CA PHE A 315 -10.28 -10.51 14.56
C PHE A 315 -9.72 -11.10 15.87
N GLY A 316 -9.12 -10.25 16.74
CA GLY A 316 -8.50 -10.70 17.97
C GLY A 316 -7.21 -11.45 17.73
N GLN A 317 -6.47 -11.09 16.68
CA GLN A 317 -5.31 -11.87 16.27
C GLN A 317 -3.97 -11.11 16.22
N GLY A 318 -3.95 -9.82 16.55
CA GLY A 318 -2.72 -9.07 16.39
C GLY A 318 -1.59 -9.62 17.25
N MET A 319 -1.83 -9.59 18.55
CA MET A 319 -0.91 -10.18 19.50
C MET A 319 -0.74 -11.68 19.26
N ASN A 320 -1.83 -12.40 19.00
CA ASN A 320 -1.73 -13.86 18.77
C ASN A 320 -0.79 -14.22 17.63
N ALA A 321 -0.83 -13.44 16.56
CA ALA A 321 -0.09 -13.73 15.36
C ALA A 321 1.35 -13.37 15.55
N GLY A 322 1.60 -12.29 16.25
CA GLY A 322 2.95 -11.89 16.57
C GLY A 322 3.55 -12.92 17.47
N PHE A 323 2.81 -13.33 18.50
CA PHE A 323 3.27 -14.44 19.30
C PHE A 323 3.58 -15.61 18.39
N GLU A 324 2.68 -15.97 17.47
CA GLU A 324 2.99 -17.06 16.53
C GLU A 324 4.24 -16.84 15.64
N ASP A 325 4.53 -15.59 15.21
CA ASP A 325 5.82 -15.22 14.54
C ASP A 325 7.02 -15.76 15.34
N CYS A 326 7.05 -15.36 16.62
CA CYS A 326 8.10 -15.81 17.52
C CYS A 326 8.29 -17.33 17.45
N LEU A 327 7.16 -18.03 17.45
CA LEU A 327 7.17 -19.49 17.50
C LEU A 327 7.66 -20.08 16.19
N VAL A 328 7.03 -19.66 15.09
CA VAL A 328 7.44 -20.09 13.76
C VAL A 328 8.93 -19.83 13.53
N PHE A 329 9.46 -18.70 13.99
CA PHE A 329 10.92 -18.51 13.94
C PHE A 329 11.62 -19.64 14.66
N ASP A 330 11.24 -19.81 15.93
CA ASP A 330 11.89 -20.79 16.83
C ASP A 330 11.85 -22.22 16.28
N GLU A 331 10.75 -22.58 15.62
CA GLU A 331 10.63 -23.83 14.89
C GLU A 331 11.65 -23.98 13.75
N LEU A 332 11.82 -22.90 12.97
CA LEU A 332 12.82 -22.88 11.93
C LEU A 332 14.23 -22.95 12.52
N MET A 333 14.46 -22.30 13.67
CA MET A 333 15.80 -22.41 14.31
C MET A 333 16.16 -23.83 14.76
N ASP A 334 15.15 -24.57 15.25
CA ASP A 334 15.23 -26.04 15.45
C ASP A 334 15.55 -26.71 14.12
N LYS A 335 14.59 -26.56 13.20
CA LYS A 335 14.61 -27.27 11.90
C LYS A 335 15.88 -27.02 11.05
N PHE A 336 16.58 -25.89 11.23
CA PHE A 336 17.85 -25.60 10.51
C PHE A 336 19.02 -25.29 11.44
N ASN A 337 19.09 -25.98 12.58
CA ASN A 337 20.21 -25.79 13.54
C ASN A 337 20.75 -24.36 13.58
N ASN A 338 19.91 -23.40 13.93
CA ASN A 338 20.37 -22.00 14.18
C ASN A 338 21.09 -21.25 13.04
N ASP A 339 20.92 -21.67 11.79
CA ASP A 339 21.49 -20.96 10.66
C ASP A 339 20.62 -19.72 10.41
N LEU A 340 21.10 -18.55 10.82
CA LEU A 340 20.36 -17.30 10.58
C LEU A 340 20.20 -17.01 9.07
N SER A 341 21.23 -17.29 8.27
CA SER A 341 21.18 -17.13 6.80
C SER A 341 20.13 -17.94 6.10
N VAL A 342 19.69 -19.02 6.76
CA VAL A 342 18.57 -19.85 6.30
C VAL A 342 17.27 -19.41 6.95
N CYS A 343 17.27 -19.32 8.27
CA CYS A 343 16.08 -18.92 9.00
C CYS A 343 15.51 -17.60 8.53
N LEU A 344 16.33 -16.55 8.38
CA LEU A 344 15.76 -15.27 8.00
C LEU A 344 15.00 -15.26 6.66
N PRO A 345 15.59 -15.78 5.56
CA PRO A 345 14.77 -15.94 4.32
C PRO A 345 13.58 -16.93 4.41
N GLU A 346 13.77 -18.01 5.17
CA GLU A 346 12.67 -18.96 5.34
C GLU A 346 11.51 -18.38 6.12
N PHE A 347 11.79 -17.51 7.09
CA PHE A 347 10.77 -16.78 7.85
C PHE A 347 9.95 -15.92 6.91
N SER A 348 10.64 -15.04 6.18
CA SER A 348 9.99 -14.23 5.20
C SER A 348 9.17 -15.13 4.28
N ARG A 349 9.75 -16.22 3.77
CA ARG A 349 9.02 -17.07 2.76
C ARG A 349 7.78 -17.77 3.31
N PHE A 350 7.94 -18.38 4.48
CA PHE A 350 6.89 -19.17 5.17
C PHE A 350 5.79 -18.29 5.75
N ARG A 351 6.19 -17.17 6.36
CA ARG A 351 5.32 -16.44 7.29
C ARG A 351 4.56 -15.24 6.72
N ILE A 352 5.19 -14.56 5.76
CA ILE A 352 4.58 -13.43 5.07
C ILE A 352 3.21 -13.74 4.45
N PRO A 353 3.08 -14.88 3.74
CA PRO A 353 1.79 -15.29 3.23
C PRO A 353 0.73 -15.31 4.30
N ASP A 354 1.07 -15.91 5.45
CA ASP A 354 0.14 -16.04 6.58
C ASP A 354 -0.19 -14.69 7.20
N ASP A 355 0.85 -13.95 7.58
CA ASP A 355 0.64 -12.66 8.26
C ASP A 355 -0.11 -11.71 7.34
N HIS A 356 0.12 -11.81 6.03
CA HIS A 356 -0.71 -11.04 5.09
C HIS A 356 -2.19 -11.49 5.13
N ALA A 357 -2.41 -12.80 5.23
CA ALA A 357 -3.74 -13.34 5.17
C ALA A 357 -4.59 -12.87 6.35
N ILE A 358 -4.06 -13.01 7.56
CA ILE A 358 -4.77 -12.52 8.74
C ILE A 358 -4.99 -11.01 8.66
N SER A 359 -4.01 -10.28 8.12
CA SER A 359 -4.22 -8.86 7.83
C SER A 359 -5.45 -8.67 6.94
N ASP A 360 -5.53 -9.42 5.84
CA ASP A 360 -6.64 -9.26 4.90
C ASP A 360 -7.95 -9.60 5.58
N LEU A 361 -8.04 -10.82 6.15
CA LEU A 361 -9.18 -11.23 7.01
C LEU A 361 -9.65 -10.16 7.98
N SER A 362 -8.72 -9.64 8.79
CA SER A 362 -9.08 -8.55 9.72
C SER A 362 -9.67 -7.33 9.01
N MET A 363 -9.18 -7.04 7.79
CA MET A 363 -9.60 -5.85 7.06
C MET A 363 -11.02 -6.13 6.56
N TYR A 364 -11.17 -7.28 5.92
CA TYR A 364 -12.44 -7.74 5.38
C TYR A 364 -13.48 -7.66 6.45
N ASN A 365 -13.19 -8.26 7.61
CA ASN A 365 -14.09 -8.19 8.79
C ASN A 365 -14.51 -6.76 9.12
N TYR A 366 -13.55 -5.87 9.14
CA TYR A 366 -13.83 -4.46 9.35
C TYR A 366 -14.75 -3.87 8.27
N ILE A 367 -14.62 -4.33 7.04
CA ILE A 367 -15.49 -3.85 5.98
C ILE A 367 -16.89 -4.41 6.14
N GLU A 368 -17.01 -5.73 6.17
CA GLU A 368 -18.24 -6.41 6.59
C GLU A 368 -18.92 -5.64 7.70
N MET A 369 -18.15 -5.32 8.74
CA MET A 369 -18.75 -4.65 9.92
C MET A 369 -19.48 -3.34 9.61
N ARG A 370 -19.13 -2.67 8.52
CA ARG A 370 -19.76 -1.39 8.17
C ARG A 370 -20.98 -1.62 7.29
N ALA A 371 -20.86 -2.54 6.33
CA ALA A 371 -21.95 -2.86 5.38
C ALA A 371 -23.19 -3.48 6.04
N HIS A 372 -23.05 -4.66 6.63
CA HIS A 372 -24.21 -5.42 7.13
C HIS A 372 -23.91 -6.37 8.30
N VAL A 373 -23.82 -5.82 9.50
CA VAL A 373 -24.10 -6.59 10.74
C VAL A 373 -25.04 -5.74 11.58
N ASN A 374 -26.20 -6.31 11.89
CA ASN A 374 -27.10 -5.75 12.89
C ASN A 374 -27.25 -6.82 13.97
N SER A 375 -28.14 -6.57 14.94
CA SER A 375 -28.57 -7.59 15.89
C SER A 375 -28.77 -8.98 15.27
N ARG A 376 -29.36 -9.03 14.07
CA ARG A 376 -29.89 -10.27 13.46
C ARG A 376 -28.93 -11.07 12.57
N TRP A 377 -28.19 -10.39 11.68
CA TRP A 377 -27.34 -11.10 10.69
C TRP A 377 -26.15 -11.84 11.32
N PHE A 378 -25.56 -11.24 12.37
CA PHE A 378 -24.48 -11.89 13.18
C PHE A 378 -24.92 -13.30 13.60
N LEU A 379 -26.12 -13.39 14.18
CA LEU A 379 -26.73 -14.67 14.58
C LEU A 379 -26.94 -15.67 13.44
N PHE A 380 -27.62 -15.22 12.37
CA PHE A 380 -27.88 -16.07 11.19
C PHE A 380 -26.58 -16.61 10.61
N GLN A 381 -25.61 -15.69 10.43
CA GLN A 381 -24.33 -16.04 9.81
C GLN A 381 -23.58 -17.09 10.60
N ARG A 382 -23.52 -16.92 11.91
CA ARG A 382 -22.86 -17.87 12.78
C ARG A 382 -23.67 -19.20 12.91
N LEU A 383 -24.96 -19.13 13.25
CA LEU A 383 -25.76 -20.36 13.39
C LEU A 383 -25.84 -21.16 12.07
N LEU A 384 -25.80 -20.47 10.93
CA LEU A 384 -25.59 -21.13 9.64
C LEU A 384 -24.27 -21.95 9.64
N ASP A 385 -23.17 -21.30 10.04
CA ASP A 385 -21.86 -21.98 10.13
C ASP A 385 -21.93 -23.18 11.08
N LYS A 386 -22.57 -23.01 12.23
CA LYS A 386 -22.75 -24.14 13.16
C LYS A 386 -23.55 -25.27 12.54
N PHE A 387 -24.64 -24.91 11.85
CA PHE A 387 -25.46 -25.88 11.11
C PHE A 387 -24.60 -26.79 10.22
N LEU A 388 -23.74 -26.15 9.44
CA LEU A 388 -23.00 -26.84 8.39
C LEU A 388 -21.84 -27.70 8.92
N HIS A 389 -21.22 -27.29 10.04
CA HIS A 389 -20.16 -28.04 10.74
C HIS A 389 -20.75 -29.33 11.28
N ALA A 390 -21.85 -29.20 12.01
CA ALA A 390 -22.62 -30.34 12.51
C ALA A 390 -23.10 -31.23 11.36
N LEU A 391 -23.59 -30.61 10.26
CA LEU A 391 -23.96 -31.35 9.03
C LEU A 391 -22.80 -32.19 8.47
N MET A 392 -21.72 -31.51 8.06
CA MET A 392 -20.59 -32.17 7.40
C MET A 392 -19.27 -31.90 8.13
N PRO A 393 -19.14 -32.42 9.38
CA PRO A 393 -17.84 -32.32 10.01
C PRO A 393 -16.87 -33.37 9.43
N SER A 394 -15.57 -33.09 9.36
CA SER A 394 -15.01 -31.77 9.56
C SER A 394 -14.70 -31.11 8.20
N THR A 395 -15.35 -31.56 7.12
CA THR A 395 -15.18 -30.94 5.77
C THR A 395 -15.67 -29.47 5.69
N PHE A 396 -16.40 -29.02 6.71
CA PHE A 396 -16.60 -27.60 6.98
C PHE A 396 -16.19 -27.31 8.44
N ILE A 397 -15.05 -26.63 8.64
CA ILE A 397 -14.70 -26.00 9.93
C ILE A 397 -14.85 -24.51 9.72
N PRO A 398 -15.67 -23.83 10.54
CA PRO A 398 -15.84 -22.41 10.29
C PRO A 398 -14.53 -21.65 10.42
N LEU A 399 -14.47 -20.50 9.76
CA LEU A 399 -13.26 -19.70 9.76
C LEU A 399 -12.86 -19.34 11.18
N TYR A 400 -13.80 -18.80 11.94
CA TYR A 400 -13.44 -18.24 13.22
C TYR A 400 -12.83 -19.31 14.09
N THR A 401 -13.36 -20.54 14.01
CA THR A 401 -12.73 -21.70 14.67
C THR A 401 -11.31 -21.92 14.18
N MET A 402 -11.13 -22.01 12.86
CA MET A 402 -9.79 -22.23 12.24
C MET A 402 -8.73 -21.24 12.71
N VAL A 403 -9.07 -19.94 12.79
CA VAL A 403 -8.07 -18.95 13.25
C VAL A 403 -7.89 -19.07 14.74
N ALA A 404 -9.00 -19.16 15.46
CA ALA A 404 -8.98 -19.03 16.91
C ALA A 404 -8.44 -20.24 17.64
N PHE A 405 -8.83 -21.44 17.21
CA PHE A 405 -8.51 -22.64 17.96
C PHE A 405 -7.59 -23.60 17.28
N THR A 406 -7.02 -23.21 16.15
CA THR A 406 -5.92 -23.99 15.56
C THR A 406 -4.75 -23.16 15.07
N ARG A 407 -3.69 -23.87 14.72
CA ARG A 407 -2.52 -23.29 14.04
C ARG A 407 -2.43 -23.57 12.52
N ILE A 408 -3.53 -24.02 11.91
CA ILE A 408 -3.64 -24.04 10.46
C ILE A 408 -3.06 -22.74 9.95
N ARG A 409 -2.22 -22.77 8.92
CA ARG A 409 -1.67 -21.52 8.40
C ARG A 409 -2.77 -20.58 7.91
N TYR A 410 -2.58 -19.31 8.19
CA TYR A 410 -3.62 -18.32 7.95
C TYR A 410 -4.18 -18.36 6.52
N HIS A 411 -3.28 -18.34 5.54
CA HIS A 411 -3.66 -18.35 4.11
C HIS A 411 -4.35 -19.66 3.69
N GLU A 412 -3.92 -20.79 4.27
CA GLU A 412 -4.63 -22.06 4.11
C GLU A 412 -6.04 -21.95 4.71
N ALA A 413 -6.15 -21.35 5.89
CA ALA A 413 -7.46 -21.08 6.49
C ALA A 413 -8.34 -20.26 5.56
N VAL A 414 -7.76 -19.19 4.98
CA VAL A 414 -8.49 -18.43 3.91
C VAL A 414 -8.89 -19.33 2.72
N LEU A 415 -7.95 -20.15 2.23
CA LEU A 415 -8.26 -21.07 1.14
C LEU A 415 -9.46 -21.95 1.47
N ARG A 416 -9.28 -22.76 2.51
CA ARG A 416 -10.33 -23.66 3.00
C ARG A 416 -11.63 -22.88 3.12
N TRP A 417 -11.57 -21.73 3.80
CA TRP A 417 -12.74 -20.85 3.91
C TRP A 417 -13.37 -20.48 2.57
N HIS A 418 -12.57 -20.18 1.54
CA HIS A 418 -13.16 -19.86 0.22
C HIS A 418 -13.77 -21.11 -0.43
N TRP A 419 -12.98 -22.19 -0.48
CA TRP A 419 -13.45 -23.47 -1.05
C TRP A 419 -14.80 -23.89 -0.46
N GLN A 420 -14.79 -24.06 0.86
CA GLN A 420 -16.01 -24.31 1.60
C GLN A 420 -17.16 -23.40 1.12
N LYS A 421 -16.91 -22.09 0.96
CA LYS A 421 -17.95 -21.11 0.58
C LYS A 421 -18.47 -21.40 -0.84
N LYS A 422 -17.53 -21.76 -1.71
CA LYS A 422 -17.84 -22.28 -3.04
C LYS A 422 -18.79 -23.50 -2.94
N VAL A 423 -18.36 -24.56 -2.24
CA VAL A 423 -19.28 -25.76 -2.11
C VAL A 423 -20.62 -25.51 -1.32
N ILE A 424 -20.67 -24.59 -0.35
CA ILE A 424 -21.99 -24.15 0.23
C ILE A 424 -22.80 -23.43 -0.85
N ASN A 425 -22.22 -22.48 -1.59
CA ASN A 425 -23.04 -21.81 -2.63
C ASN A 425 -23.52 -22.75 -3.76
N ARG A 426 -22.61 -23.60 -4.25
CA ARG A 426 -22.96 -24.64 -5.27
C ARG A 426 -23.96 -25.70 -4.73
N GLY A 427 -23.69 -26.19 -3.53
CA GLY A 427 -24.62 -27.08 -2.84
C GLY A 427 -26.01 -26.50 -2.64
N LEU A 428 -26.11 -25.28 -2.12
CA LEU A 428 -27.42 -24.61 -1.98
C LEU A 428 -28.15 -24.49 -3.35
N PHE A 429 -27.39 -24.14 -4.39
CA PHE A 429 -28.00 -23.98 -5.71
C PHE A 429 -28.76 -25.21 -6.20
N VAL A 430 -28.14 -26.40 -6.12
CA VAL A 430 -28.85 -27.62 -6.59
C VAL A 430 -30.13 -27.91 -5.77
N LEU A 431 -30.11 -27.63 -4.46
CA LEU A 431 -31.31 -27.81 -3.60
C LEU A 431 -32.38 -26.77 -3.90
N GLY A 432 -31.97 -25.51 -4.08
CA GLY A 432 -32.87 -24.45 -4.56
C GLY A 432 -33.53 -24.84 -5.87
N SER A 433 -32.72 -25.32 -6.83
CA SER A 433 -33.25 -25.79 -8.11
C SER A 433 -34.18 -27.03 -7.96
N LEU A 434 -33.79 -28.04 -7.17
CA LEU A 434 -34.68 -29.20 -6.93
C LEU A 434 -35.98 -28.86 -6.17
N VAL A 435 -35.93 -27.89 -5.25
CA VAL A 435 -37.18 -27.26 -4.74
C VAL A 435 -37.95 -26.67 -5.93
N ALA A 436 -37.25 -25.83 -6.70
CA ALA A 436 -37.86 -25.09 -7.82
C ALA A 436 -38.48 -25.92 -8.97
N ILE A 437 -38.00 -27.15 -9.20
CA ILE A 437 -38.69 -28.10 -10.11
C ILE A 437 -39.66 -29.01 -9.33
N GLY A 438 -39.29 -29.40 -8.10
CA GLY A 438 -40.10 -30.29 -7.25
C GLY A 438 -41.47 -29.72 -6.87
N SER A 439 -41.50 -28.43 -6.58
CA SER A 439 -42.77 -27.72 -6.32
C SER A 439 -43.70 -27.71 -7.55
N ALA A 440 -43.14 -27.39 -8.73
CA ALA A 440 -43.88 -27.35 -10.01
C ALA A 440 -44.52 -28.69 -10.45
N TYR A 441 -43.73 -29.76 -10.42
CA TYR A 441 -44.20 -31.12 -10.74
C TYR A 441 -45.32 -31.58 -9.80
N ILE A 442 -45.14 -31.36 -8.48
CA ILE A 442 -46.21 -31.65 -7.47
C ILE A 442 -47.32 -30.57 -7.45
N LEU A 443 -47.17 -29.45 -8.17
CA LEU A 443 -48.28 -28.53 -8.44
C LEU A 443 -49.12 -28.93 -9.69
N VAL A 444 -48.47 -29.29 -10.80
CA VAL A 444 -49.21 -29.78 -11.99
C VAL A 444 -49.77 -31.22 -11.78
N HIS A 445 -48.97 -32.14 -11.21
CA HIS A 445 -49.48 -33.49 -10.83
C HIS A 445 -48.66 -34.14 -9.72
N THR B 8 0.38 36.70 -5.81
CA THR B 8 0.99 38.04 -5.62
C THR B 8 2.54 37.96 -5.52
N GLU B 9 3.18 39.11 -5.63
CA GLU B 9 4.65 39.21 -5.75
C GLU B 9 5.43 39.07 -4.43
N GLY B 10 4.77 39.28 -3.30
CA GLY B 10 5.44 39.17 -2.00
C GLY B 10 5.98 37.77 -1.64
N LYS B 11 5.29 36.72 -2.10
CA LYS B 11 5.52 35.34 -1.63
C LYS B 11 6.68 34.61 -2.34
N ARG B 12 7.45 33.87 -1.55
CA ARG B 12 8.52 33.03 -2.07
C ARG B 12 8.13 31.54 -2.09
N VAL B 13 8.54 30.83 -3.15
CA VAL B 13 8.29 29.38 -3.29
C VAL B 13 9.58 28.62 -3.66
N VAL B 14 9.76 27.45 -3.06
CA VAL B 14 10.88 26.61 -3.46
C VAL B 14 10.35 25.36 -4.16
N VAL B 15 10.94 25.08 -5.31
CA VAL B 15 10.61 23.88 -6.06
C VAL B 15 11.78 22.94 -5.82
N ILE B 16 11.47 21.77 -5.28
CA ILE B 16 12.51 20.80 -5.04
C ILE B 16 12.50 19.89 -6.25
N GLY B 17 13.62 19.89 -6.97
CA GLY B 17 13.73 19.16 -8.23
C GLY B 17 13.58 20.02 -9.49
N GLY B 18 14.54 19.84 -10.41
CA GLY B 18 14.62 20.58 -11.68
C GLY B 18 14.57 19.57 -12.78
N GLY B 19 13.59 18.67 -12.63
CA GLY B 19 13.25 17.71 -13.65
C GLY B 19 12.09 18.23 -14.47
N LEU B 20 11.36 17.29 -15.05
CA LEU B 20 10.30 17.61 -16.00
C LEU B 20 9.18 18.41 -15.37
N VAL B 21 8.71 17.89 -14.24
CA VAL B 21 7.61 18.49 -13.49
C VAL B 21 8.05 19.72 -12.70
N GLY B 22 9.18 19.62 -12.00
CA GLY B 22 9.76 20.76 -11.32
C GLY B 22 9.95 21.94 -12.24
N ALA B 23 10.67 21.70 -13.33
CA ALA B 23 10.99 22.78 -14.27
C ALA B 23 9.75 23.42 -14.84
N LEU B 24 8.84 22.61 -15.36
CA LEU B 24 7.54 23.12 -15.80
C LEU B 24 6.77 23.90 -14.71
N ASN B 25 6.57 23.30 -13.53
CA ASN B 25 5.85 23.96 -12.42
C ASN B 25 6.48 25.33 -12.06
N ALA B 26 7.81 25.34 -12.06
CA ALA B 26 8.52 26.59 -11.84
C ALA B 26 8.14 27.67 -12.86
N CYS B 27 7.92 27.26 -14.12
CA CYS B 27 7.47 28.21 -15.15
C CYS B 27 6.06 28.74 -14.80
N PHE B 28 5.09 27.83 -14.72
CA PHE B 28 3.74 28.16 -14.30
C PHE B 28 3.74 29.14 -13.12
N LEU B 29 4.53 28.84 -12.08
CA LEU B 29 4.58 29.67 -10.87
C LEU B 29 5.20 31.03 -11.19
N ALA B 30 6.38 31.03 -11.84
CA ALA B 30 7.06 32.29 -12.25
C ALA B 30 6.17 33.23 -13.06
N LYS B 31 5.39 32.62 -13.94
CA LYS B 31 4.40 33.31 -14.75
C LYS B 31 3.22 33.94 -13.95
N ARG B 32 3.15 33.74 -12.63
CA ARG B 32 2.28 34.59 -11.78
C ARG B 32 3.08 35.34 -10.71
N ASN B 33 4.35 35.61 -11.02
CA ASN B 33 5.21 36.49 -10.22
C ASN B 33 5.54 36.08 -8.79
N PHE B 34 5.44 34.80 -8.47
CA PHE B 34 6.07 34.29 -7.25
C PHE B 34 7.59 34.37 -7.35
N GLN B 35 8.27 34.47 -6.22
CA GLN B 35 9.72 34.33 -6.24
C GLN B 35 9.99 32.84 -6.22
N VAL B 36 10.24 32.29 -7.39
CA VAL B 36 10.41 30.86 -7.48
C VAL B 36 11.89 30.49 -7.57
N ASP B 37 12.31 29.56 -6.70
CA ASP B 37 13.68 29.04 -6.67
C ASP B 37 13.64 27.53 -6.82
N VAL B 38 14.29 27.02 -7.87
CA VAL B 38 14.32 25.58 -8.12
C VAL B 38 15.62 25.05 -7.56
N TYR B 39 15.56 23.89 -6.88
CA TYR B 39 16.72 23.25 -6.26
C TYR B 39 16.93 21.85 -6.82
N GLU B 40 17.97 21.71 -7.65
CA GLU B 40 18.23 20.50 -8.42
C GLU B 40 19.52 19.88 -7.96
N ALA B 41 19.42 18.69 -7.39
CA ALA B 41 20.56 17.91 -6.90
C ALA B 41 21.59 17.52 -7.95
N ARG B 42 21.18 17.33 -9.19
CA ARG B 42 22.16 17.09 -10.26
C ARG B 42 22.79 18.38 -10.76
N GLU B 43 23.91 18.25 -11.47
CA GLU B 43 24.47 19.38 -12.19
C GLU B 43 23.61 19.66 -13.44
N ASP B 44 23.67 20.93 -13.90
CA ASP B 44 23.03 21.39 -15.13
C ASP B 44 23.35 20.43 -16.26
N ILE B 45 22.30 19.78 -16.71
CA ILE B 45 22.37 18.75 -17.73
C ILE B 45 22.65 19.36 -19.10
N ARG B 46 22.41 20.66 -19.23
CA ARG B 46 22.75 21.40 -20.43
C ARG B 46 24.25 21.64 -20.64
N VAL B 47 25.03 21.47 -19.58
CA VAL B 47 26.50 21.52 -19.70
C VAL B 47 27.13 20.14 -19.35
N ALA B 48 26.67 19.46 -18.31
CA ALA B 48 27.13 18.06 -18.09
C ALA B 48 26.45 17.11 -19.10
N SER B 55 13.77 5.76 -20.05
CA SER B 55 13.27 6.78 -20.98
C SER B 55 14.35 7.79 -21.32
N ILE B 56 15.19 7.46 -22.29
CA ILE B 56 15.98 8.48 -22.95
C ILE B 56 14.98 9.33 -23.76
N ASN B 57 13.98 8.66 -24.32
CA ASN B 57 12.87 9.36 -24.97
C ASN B 57 11.48 8.78 -24.61
N LEU B 58 10.45 9.63 -24.74
CA LEU B 58 9.11 9.34 -24.25
C LEU B 58 7.96 10.01 -25.02
N ALA B 59 6.74 9.58 -24.71
CA ALA B 59 5.57 9.79 -25.53
C ALA B 59 4.72 10.94 -25.04
N LEU B 60 4.72 12.04 -25.79
CA LEU B 60 4.02 13.25 -25.40
C LEU B 60 2.68 13.24 -26.07
N SER B 61 1.70 13.80 -25.39
CA SER B 61 0.31 13.64 -25.72
C SER B 61 -0.47 14.91 -25.35
N TYR B 62 -1.80 14.79 -25.48
CA TYR B 62 -2.71 15.92 -25.28
C TYR B 62 -2.53 16.63 -23.92
N ARG B 63 -2.53 15.86 -22.84
CA ARG B 63 -2.49 16.41 -21.49
C ARG B 63 -1.20 17.21 -21.26
N GLY B 64 -0.06 16.57 -21.48
CA GLY B 64 1.20 17.28 -21.38
C GLY B 64 1.20 18.49 -22.27
N ARG B 65 0.70 18.31 -23.50
CA ARG B 65 0.75 19.43 -24.48
C ARG B 65 -0.05 20.65 -24.04
N GLN B 66 -1.20 20.38 -23.45
CA GLN B 66 -2.05 21.43 -22.92
C GLN B 66 -1.39 22.20 -21.78
N ALA B 67 -0.74 21.48 -20.89
CA ALA B 67 0.06 22.11 -19.85
C ALA B 67 1.15 22.96 -20.50
N LEU B 68 1.94 22.33 -21.36
CA LEU B 68 3.00 23.06 -22.07
C LEU B 68 2.50 24.35 -22.75
N LYS B 69 1.38 24.24 -23.46
CA LYS B 69 0.71 25.37 -24.12
C LYS B 69 0.47 26.50 -23.14
N ALA B 70 -0.13 26.21 -21.98
CA ALA B 70 -0.43 27.22 -20.93
C ALA B 70 0.75 28.11 -20.55
N VAL B 71 1.97 27.60 -20.73
CA VAL B 71 3.23 28.30 -20.39
C VAL B 71 4.02 28.74 -21.64
N GLY B 72 3.42 28.59 -22.82
CA GLY B 72 4.00 29.07 -24.06
C GLY B 72 5.15 28.24 -24.58
N LEU B 73 5.12 26.93 -24.33
CA LEU B 73 6.21 26.04 -24.77
C LEU B 73 5.73 24.86 -25.60
N GLU B 74 4.45 24.78 -25.96
CA GLU B 74 4.00 23.61 -26.73
C GLU B 74 4.81 23.53 -28.01
N ASP B 75 4.82 24.65 -28.74
CA ASP B 75 5.42 24.72 -30.05
C ASP B 75 6.89 24.29 -30.00
N GLN B 76 7.69 24.94 -29.16
CA GLN B 76 9.10 24.60 -29.03
C GLN B 76 9.31 23.09 -28.82
N ILE B 77 8.51 22.47 -27.96
CA ILE B 77 8.72 21.06 -27.64
C ILE B 77 8.27 20.22 -28.82
N VAL B 78 7.16 20.60 -29.42
CA VAL B 78 6.56 19.83 -30.50
C VAL B 78 7.46 19.82 -31.77
N SER B 79 8.28 20.85 -31.92
CA SER B 79 9.19 20.96 -33.04
C SER B 79 10.27 19.88 -33.01
N LYS B 80 10.77 19.55 -31.83
CA LYS B 80 11.85 18.57 -31.69
C LYS B 80 11.33 17.14 -31.37
N GLY B 81 10.06 16.90 -31.67
CA GLY B 81 9.47 15.61 -31.50
C GLY B 81 9.17 15.00 -32.84
N VAL B 82 8.93 13.69 -32.83
CA VAL B 82 8.61 12.91 -34.02
C VAL B 82 7.23 12.36 -33.82
N PRO B 83 6.28 12.79 -34.65
CA PRO B 83 4.92 12.25 -34.71
C PRO B 83 4.85 10.76 -34.80
N MET B 84 4.00 10.14 -34.00
CA MET B 84 3.74 8.70 -34.07
C MET B 84 2.26 8.51 -34.36
N LYS B 85 1.94 8.27 -35.62
CA LYS B 85 0.52 8.24 -36.01
C LYS B 85 -0.11 6.84 -35.81
N ALA B 86 0.69 5.80 -35.62
CA ALA B 86 0.10 4.49 -35.41
C ALA B 86 0.98 3.62 -34.55
N ARG B 87 0.39 2.55 -34.05
CA ARG B 87 1.12 1.53 -33.39
C ARG B 87 1.51 0.70 -34.54
N MET B 88 2.56 -0.10 -34.35
CA MET B 88 3.00 -1.04 -35.37
C MET B 88 3.51 -2.27 -34.68
N ILE B 89 2.85 -3.41 -34.95
CA ILE B 89 3.03 -4.61 -34.12
C ILE B 89 3.81 -5.67 -34.83
N HIS B 90 4.95 -5.99 -34.26
CA HIS B 90 5.86 -6.96 -34.81
C HIS B 90 5.51 -8.31 -34.19
N SER B 91 4.75 -9.15 -34.90
CA SER B 91 4.48 -10.53 -34.41
C SER B 91 5.72 -11.41 -34.48
N LEU B 92 5.73 -12.50 -33.72
CA LEU B 92 6.91 -13.39 -33.68
C LEU B 92 7.25 -13.94 -35.07
N SER B 93 6.23 -14.17 -35.90
CA SER B 93 6.39 -14.65 -37.28
C SER B 93 7.20 -13.73 -38.23
N GLY B 94 7.32 -12.46 -37.89
CA GLY B 94 7.88 -11.45 -38.78
C GLY B 94 6.80 -10.57 -39.38
N LYS B 95 5.53 -10.83 -39.07
CA LYS B 95 4.43 -10.03 -39.58
C LYS B 95 4.34 -8.69 -38.85
N LYS B 96 3.95 -7.66 -39.60
CA LYS B 96 3.95 -6.29 -39.13
C LYS B 96 2.61 -5.65 -39.43
N SER B 97 1.80 -5.43 -38.38
CA SER B 97 0.45 -4.85 -38.52
C SER B 97 0.33 -3.47 -37.87
N ALA B 98 -0.08 -2.47 -38.64
CA ALA B 98 -0.21 -1.10 -38.10
C ALA B 98 -1.59 -0.89 -37.53
N ILE B 99 -1.69 -0.52 -36.26
CA ILE B 99 -2.98 -0.12 -35.69
C ILE B 99 -2.90 1.36 -35.51
N PRO B 100 -3.82 2.12 -36.09
CA PRO B 100 -3.65 3.57 -35.98
C PRO B 100 -3.94 4.09 -34.56
N TYR B 101 -3.56 5.34 -34.28
CA TYR B 101 -4.16 6.09 -33.16
C TYR B 101 -5.49 6.58 -33.73
N GLY B 102 -6.34 7.29 -33.01
CA GLY B 102 -7.78 7.21 -33.35
C GLY B 102 -8.15 7.60 -34.77
N ASN B 103 -7.75 8.81 -35.12
CA ASN B 103 -8.35 9.60 -36.16
C ASN B 103 -7.10 10.25 -36.82
N LYS B 104 -7.25 11.00 -37.91
CA LYS B 104 -6.07 11.55 -38.61
C LYS B 104 -5.44 12.71 -37.83
N SER B 105 -6.26 13.50 -37.13
CA SER B 105 -5.77 14.59 -36.28
C SER B 105 -5.05 14.07 -35.05
N GLN B 106 -5.53 12.94 -34.53
CA GLN B 106 -5.08 12.37 -33.27
C GLN B 106 -3.82 11.51 -33.43
N TYR B 107 -2.69 12.02 -32.94
CA TYR B 107 -1.43 11.32 -32.96
C TYR B 107 -0.62 11.71 -31.72
N ILE B 108 0.13 10.76 -31.19
CA ILE B 108 1.01 11.01 -30.02
C ILE B 108 2.38 11.36 -30.58
N LEU B 109 3.30 11.95 -29.80
CA LEU B 109 4.62 12.19 -30.36
C LEU B 109 5.82 11.90 -29.51
N SER B 110 6.84 11.26 -30.14
CA SER B 110 8.05 10.84 -29.44
C SER B 110 8.94 12.07 -29.23
N ILE B 111 9.42 12.29 -27.99
CA ILE B 111 10.35 13.41 -27.70
C ILE B 111 11.45 12.94 -26.78
N SER B 112 12.56 13.64 -26.71
CA SER B 112 13.65 13.24 -25.81
C SER B 112 13.53 13.83 -24.37
N ARG B 113 13.65 12.94 -23.39
CA ARG B 113 13.63 13.32 -21.96
C ARG B 113 14.57 14.54 -21.79
N GLU B 114 15.77 14.45 -22.34
CA GLU B 114 16.81 15.44 -22.09
C GLU B 114 16.53 16.78 -22.74
N LYS B 115 16.23 16.77 -24.03
CA LYS B 115 15.79 17.99 -24.72
C LYS B 115 14.65 18.61 -23.93
N LEU B 116 13.62 17.80 -23.65
CA LEU B 116 12.50 18.32 -22.90
C LEU B 116 13.00 19.01 -21.61
N ASN B 117 13.82 18.31 -20.84
CA ASN B 117 14.30 18.84 -19.56
C ASN B 117 15.08 20.17 -19.74
N LYS B 118 15.96 20.17 -20.75
CA LYS B 118 16.82 21.33 -21.04
C LYS B 118 16.01 22.57 -21.42
N ASP B 119 15.09 22.40 -22.37
CA ASP B 119 14.28 23.53 -22.87
C ASP B 119 13.50 24.16 -21.72
N LEU B 120 12.94 23.31 -20.85
CA LEU B 120 12.26 23.75 -19.65
C LEU B 120 13.19 24.43 -18.64
N LEU B 121 14.36 23.86 -18.35
CA LEU B 121 15.35 24.58 -17.51
C LEU B 121 15.67 25.96 -18.10
N THR B 122 15.84 26.05 -19.41
CA THR B 122 16.02 27.35 -20.06
C THR B 122 14.80 28.30 -19.88
N ALA B 123 13.60 27.77 -20.11
CA ALA B 123 12.34 28.53 -19.88
C ALA B 123 12.23 29.04 -18.44
N VAL B 124 12.61 28.21 -17.47
CA VAL B 124 12.63 28.65 -16.08
C VAL B 124 13.45 29.90 -15.94
N GLU B 125 14.66 29.88 -16.47
CA GLU B 125 15.59 31.02 -16.37
C GLU B 125 15.16 32.23 -17.24
N SER B 126 14.43 31.99 -18.33
CA SER B 126 13.82 33.11 -19.09
C SER B 126 12.98 34.13 -18.24
N TYR B 127 12.54 33.73 -17.03
CA TYR B 127 11.85 34.60 -16.06
C TYR B 127 12.84 35.22 -15.08
N PRO B 128 12.83 36.56 -14.93
CA PRO B 128 13.81 37.23 -14.05
C PRO B 128 13.56 36.87 -12.57
N ASN B 129 12.29 36.75 -12.22
CA ASN B 129 11.83 36.30 -10.89
C ASN B 129 12.01 34.80 -10.56
N ALA B 130 12.65 34.04 -11.43
CA ALA B 130 12.95 32.63 -11.17
C ALA B 130 14.44 32.41 -11.21
N LYS B 131 14.89 31.44 -10.44
CA LYS B 131 16.28 30.99 -10.43
C LYS B 131 16.28 29.48 -10.25
N VAL B 132 17.28 28.80 -10.80
CA VAL B 132 17.46 27.37 -10.60
C VAL B 132 18.87 27.21 -10.05
N HIS B 133 19.02 26.29 -9.11
CA HIS B 133 20.21 26.19 -8.25
C HIS B 133 20.73 24.76 -8.41
N PHE B 134 21.57 24.55 -9.41
CA PHE B 134 22.09 23.19 -9.70
C PHE B 134 23.06 22.71 -8.61
N GLY B 135 23.19 21.41 -8.48
CA GLY B 135 24.09 20.81 -7.48
C GLY B 135 23.67 20.98 -6.05
N HIS B 136 22.38 21.30 -5.84
CA HIS B 136 21.80 21.54 -4.51
C HIS B 136 20.78 20.45 -4.28
N LYS B 137 20.98 19.75 -3.16
CA LYS B 137 20.17 18.60 -2.73
C LYS B 137 19.43 19.08 -1.49
N LEU B 138 18.50 18.28 -1.02
CA LEU B 138 17.73 18.60 0.17
C LEU B 138 17.99 17.53 1.22
N SER B 139 18.12 17.94 2.50
CA SER B 139 18.22 17.00 3.64
C SER B 139 16.90 16.79 4.39
N LYS B 140 16.39 17.87 4.99
CA LYS B 140 15.26 17.83 5.91
C LYS B 140 14.43 19.10 5.69
N CYS B 141 13.12 19.02 5.94
CA CYS B 141 12.20 20.18 5.83
C CYS B 141 11.23 20.37 7.02
N CYS B 142 10.36 21.38 6.94
CA CYS B 142 9.42 21.75 8.03
C CYS B 142 8.33 22.75 7.58
N PRO B 143 7.07 22.60 8.09
CA PRO B 143 5.96 23.50 7.73
C PRO B 143 5.86 24.75 8.61
N GLY B 146 11.31 26.83 6.62
CA GLY B 146 12.53 26.40 7.28
C GLY B 146 12.89 25.04 6.76
N ILE B 147 13.83 24.96 5.81
CA ILE B 147 14.34 23.70 5.24
C ILE B 147 15.86 23.70 5.06
N LEU B 148 16.45 22.51 4.94
CA LEU B 148 17.93 22.34 4.95
C LEU B 148 18.50 21.77 3.61
N THR B 149 18.92 22.67 2.71
CA THR B 149 19.47 22.28 1.37
C THR B 149 21.05 22.24 1.39
N MET B 150 21.66 21.36 0.56
CA MET B 150 23.15 21.18 0.49
C MET B 150 23.84 21.95 -0.65
N LEU B 151 24.87 22.73 -0.31
CA LEU B 151 25.53 23.65 -1.28
C LEU B 151 26.24 22.77 -2.33
N GLY B 152 26.70 23.39 -3.42
CA GLY B 152 27.77 22.87 -4.26
C GLY B 152 28.81 22.05 -3.49
N PRO B 153 29.38 22.62 -2.39
CA PRO B 153 30.16 21.79 -1.44
C PRO B 153 29.30 20.99 -0.41
N ASN B 154 29.41 19.66 -0.49
CA ASN B 154 28.82 18.72 0.48
C ASN B 154 29.11 19.18 1.91
N LYS B 155 28.27 18.76 2.84
CA LYS B 155 28.30 19.26 4.22
C LYS B 155 28.36 20.80 4.29
N VAL B 156 27.59 21.50 3.45
CA VAL B 156 27.35 22.93 3.69
C VAL B 156 25.86 23.18 3.97
N PRO B 157 25.33 22.60 5.05
CA PRO B 157 23.90 22.67 5.30
C PRO B 157 23.40 24.05 5.75
N ARG B 158 23.26 24.96 4.78
CA ARG B 158 22.60 26.24 5.03
C ARG B 158 21.09 26.00 5.13
N ASP B 159 20.42 26.80 5.94
CA ASP B 159 18.96 26.76 6.03
C ASP B 159 18.39 27.68 4.96
N ILE B 160 17.12 27.47 4.63
CA ILE B 160 16.40 28.41 3.77
C ILE B 160 14.90 28.37 4.05
N THR B 161 14.22 29.51 3.86
CA THR B 161 12.78 29.65 4.17
C THR B 161 11.95 30.02 2.96
N CYS B 162 10.63 29.81 3.07
CA CYS B 162 9.67 30.04 1.98
C CYS B 162 8.21 29.94 2.42
N ASP B 163 7.31 30.45 1.60
CA ASP B 163 5.88 30.30 1.87
C ASP B 163 5.28 29.06 1.22
N LEU B 164 6.04 28.38 0.36
CA LEU B 164 5.59 27.14 -0.27
C LEU B 164 6.78 26.28 -0.65
N ILE B 165 6.65 24.99 -0.41
CA ILE B 165 7.67 24.04 -0.80
C ILE B 165 6.99 23.00 -1.66
N VAL B 166 7.43 22.89 -2.92
CA VAL B 166 6.83 21.98 -3.92
C VAL B 166 7.75 20.80 -4.17
N GLY B 167 7.29 19.62 -3.70
CA GLY B 167 7.97 18.37 -3.97
C GLY B 167 7.83 17.94 -5.43
N CYS B 168 8.89 18.19 -6.21
CA CYS B 168 8.96 17.71 -7.57
C CYS B 168 10.22 16.93 -7.73
N ASP B 169 10.47 16.05 -6.77
CA ASP B 169 11.76 15.35 -6.66
C ASP B 169 11.60 13.88 -7.01
N GLY B 170 10.56 13.57 -7.79
CA GLY B 170 10.47 12.29 -8.46
C GLY B 170 10.09 11.14 -7.57
N ALA B 171 10.23 9.93 -8.09
CA ALA B 171 9.67 8.75 -7.44
C ALA B 171 10.26 8.49 -6.10
N TYR B 172 11.54 8.85 -5.90
CA TYR B 172 12.22 8.55 -4.64
C TYR B 172 12.35 9.86 -3.87
N SER B 173 11.20 10.43 -3.55
CA SER B 173 11.11 11.84 -3.16
C SER B 173 11.42 12.04 -1.71
N THR B 174 12.35 12.96 -1.44
CA THR B 174 12.72 13.38 -0.08
C THR B 174 11.55 14.09 0.62
N VAL B 175 10.99 15.10 -0.04
CA VAL B 175 9.88 15.89 0.51
C VAL B 175 8.79 14.95 0.96
N ARG B 176 8.40 14.01 0.10
CA ARG B 176 7.38 13.01 0.44
C ARG B 176 7.71 12.21 1.70
N ALA B 177 9.00 11.86 1.86
CA ALA B 177 9.43 11.08 3.01
C ALA B 177 9.11 11.80 4.32
N HIS B 178 9.06 13.13 4.27
CA HIS B 178 8.65 13.91 5.43
C HIS B 178 7.13 13.81 5.62
N LEU B 179 6.36 14.15 4.61
CA LEU B 179 4.91 13.97 4.69
C LEU B 179 4.48 12.57 5.15
N MET B 180 5.25 11.56 4.79
CA MET B 180 4.90 10.19 5.18
C MET B 180 4.82 10.02 6.69
N LYS B 181 5.60 10.79 7.45
CA LYS B 181 5.65 10.66 8.92
C LYS B 181 4.40 11.23 9.63
N LYS B 182 3.75 12.20 8.97
CA LYS B 182 2.56 12.89 9.48
C LYS B 182 1.30 12.04 9.63
N PRO B 183 0.26 12.58 10.31
CA PRO B 183 -0.93 11.78 10.58
C PRO B 183 -1.89 11.77 9.42
N ARG B 184 -2.69 10.70 9.35
CA ARG B 184 -3.74 10.57 8.36
C ARG B 184 -3.14 10.59 6.96
N PHE B 185 -1.91 10.04 6.81
CA PHE B 185 -1.19 10.01 5.52
C PHE B 185 -1.10 8.56 5.08
N ASP B 186 -1.87 8.23 4.05
CA ASP B 186 -1.83 6.91 3.44
C ASP B 186 -0.72 6.90 2.37
N TYR B 187 0.12 5.88 2.40
CA TYR B 187 1.23 5.72 1.46
C TYR B 187 1.46 4.26 1.12
N SER B 188 1.89 3.98 -0.11
CA SER B 188 2.27 2.63 -0.52
C SER B 188 3.26 2.65 -1.67
N GLN B 189 4.27 1.81 -1.54
CA GLN B 189 5.26 1.56 -2.56
C GLN B 189 5.23 0.06 -2.91
N GLN B 190 5.39 -0.23 -4.19
CA GLN B 190 5.46 -1.59 -4.65
C GLN B 190 6.40 -1.65 -5.83
N TYR B 191 7.50 -2.37 -5.67
CA TYR B 191 8.40 -2.70 -6.76
C TYR B 191 7.80 -3.85 -7.52
N ILE B 192 7.41 -3.60 -8.77
CA ILE B 192 6.97 -4.66 -9.68
C ILE B 192 8.13 -5.58 -10.04
N PRO B 193 7.81 -6.79 -10.49
CA PRO B 193 8.86 -7.81 -10.66
C PRO B 193 9.72 -7.68 -11.93
N HIS B 194 9.26 -6.89 -12.91
CA HIS B 194 10.05 -6.64 -14.10
C HIS B 194 10.91 -5.43 -13.91
N GLY B 195 12.07 -5.48 -14.54
CA GLY B 195 12.88 -4.30 -14.75
C GLY B 195 12.85 -3.93 -16.21
N TYR B 196 13.69 -2.97 -16.59
CA TYR B 196 13.71 -2.48 -17.97
C TYR B 196 15.08 -2.02 -18.42
N MET B 197 15.29 -2.06 -19.74
CA MET B 197 16.58 -1.78 -20.34
C MET B 197 16.43 -1.05 -21.68
N GLU B 198 17.21 0.00 -21.90
CA GLU B 198 17.17 0.75 -23.17
C GLU B 198 18.17 0.12 -24.14
N LEU B 199 17.72 -0.09 -25.38
CA LEU B 199 18.56 -0.48 -26.52
C LEU B 199 18.28 0.42 -27.72
N THR B 200 19.25 0.53 -28.61
CA THR B 200 19.12 1.46 -29.71
C THR B 200 19.05 0.73 -31.02
N ILE B 201 18.13 1.18 -31.88
CA ILE B 201 18.09 0.76 -33.27
C ILE B 201 18.65 1.93 -34.09
N PRO B 202 19.90 1.77 -34.57
CA PRO B 202 20.55 2.83 -35.31
C PRO B 202 19.93 3.11 -36.67
N PRO B 203 20.46 4.11 -37.37
CA PRO B 203 20.00 4.33 -38.72
C PRO B 203 20.65 3.35 -39.66
N LYS B 204 19.94 3.07 -40.75
CA LYS B 204 20.39 2.11 -41.77
C LYS B 204 20.57 2.86 -43.07
N ASN B 205 21.83 3.00 -43.48
CA ASN B 205 22.19 3.75 -44.68
C ASN B 205 21.71 5.19 -44.59
N GLY B 206 21.78 5.75 -43.37
CA GLY B 206 21.37 7.11 -43.11
C GLY B 206 19.87 7.33 -42.94
N GLU B 207 19.05 6.31 -43.20
CA GLU B 207 17.60 6.38 -43.04
C GLU B 207 17.14 5.66 -41.79
N TYR B 208 15.85 5.84 -41.49
CA TYR B 208 15.21 5.16 -40.38
C TYR B 208 15.12 3.68 -40.69
N ALA B 209 15.57 2.83 -39.79
CA ALA B 209 15.50 1.40 -40.05
C ALA B 209 14.08 0.77 -40.05
N MET B 210 13.05 1.54 -39.67
CA MET B 210 11.64 1.06 -39.63
C MET B 210 10.72 2.25 -39.92
N GLU B 211 9.42 2.02 -40.04
CA GLU B 211 8.49 3.11 -40.30
C GLU B 211 8.59 4.21 -39.21
N PRO B 212 9.08 5.40 -39.57
CA PRO B 212 9.47 6.29 -38.49
C PRO B 212 8.31 6.93 -37.73
N ASN B 213 7.07 6.80 -38.19
CA ASN B 213 5.95 7.46 -37.55
C ASN B 213 5.01 6.45 -36.93
N CYS B 214 5.64 5.43 -36.35
CA CYS B 214 4.95 4.44 -35.51
C CYS B 214 5.55 4.25 -34.10
N LEU B 215 4.69 3.78 -33.20
CA LEU B 215 5.11 3.26 -31.92
C LEU B 215 5.31 1.80 -32.21
N HIS B 216 6.54 1.34 -32.12
CA HIS B 216 6.82 -0.03 -32.52
C HIS B 216 6.71 -0.95 -31.34
N ILE B 217 5.84 -1.97 -31.44
CA ILE B 217 5.66 -2.93 -30.35
C ILE B 217 6.04 -4.35 -30.76
N TRP B 218 6.74 -5.06 -29.89
CA TRP B 218 7.01 -6.48 -30.06
C TRP B 218 6.43 -7.13 -28.81
N PRO B 219 5.11 -7.42 -28.78
CA PRO B 219 4.53 -8.05 -27.58
C PRO B 219 4.76 -9.56 -27.49
N ARG B 220 5.43 -10.00 -26.44
CA ARG B 220 5.48 -11.40 -26.09
C ARG B 220 4.71 -11.46 -24.78
N ASN B 221 4.88 -12.50 -23.96
CA ASN B 221 4.09 -12.65 -22.71
C ASN B 221 4.87 -12.30 -21.43
N ALA B 222 5.92 -13.05 -21.16
CA ALA B 222 6.86 -12.69 -20.11
C ALA B 222 7.63 -11.40 -20.47
N PHE B 223 7.81 -11.14 -21.76
CA PHE B 223 8.59 -9.99 -22.25
C PHE B 223 7.73 -9.02 -22.98
N MET B 224 8.34 -7.87 -23.24
CA MET B 224 7.79 -6.89 -24.14
C MET B 224 8.89 -5.92 -24.57
N MET B 225 8.81 -5.46 -25.81
CA MET B 225 9.66 -4.37 -26.28
C MET B 225 8.82 -3.33 -27.03
N ILE B 226 9.14 -2.07 -26.81
CA ILE B 226 8.55 -0.98 -27.58
C ILE B 226 9.71 -0.20 -28.15
N ALA B 227 9.47 0.68 -29.12
CA ALA B 227 10.54 1.53 -29.66
C ALA B 227 9.98 2.82 -30.15
N LEU B 228 10.72 3.88 -29.87
CA LEU B 228 10.25 5.20 -30.25
C LEU B 228 11.32 5.89 -31.09
N PRO B 229 10.88 6.48 -32.21
CA PRO B 229 11.77 7.19 -33.14
C PRO B 229 12.37 8.45 -32.56
N ASN B 230 13.66 8.66 -32.78
CA ASN B 230 14.31 9.95 -32.47
C ASN B 230 14.40 10.79 -33.74
N MET B 231 15.01 11.97 -33.66
CA MET B 231 15.20 12.81 -34.86
C MET B 231 16.40 12.39 -35.75
N ASP B 232 17.56 12.11 -35.17
CA ASP B 232 18.57 11.34 -35.91
C ASP B 232 17.85 10.04 -36.26
N LYS B 233 18.25 9.34 -37.29
CA LYS B 233 17.28 8.43 -37.89
C LYS B 233 17.25 7.05 -37.23
N SER B 234 16.99 7.09 -35.92
CA SER B 234 17.17 5.97 -35.00
C SER B 234 15.94 5.78 -34.15
N PHE B 235 15.94 4.69 -33.42
CA PHE B 235 14.88 4.44 -32.50
C PHE B 235 15.51 4.08 -31.23
N THR B 236 14.84 4.45 -30.13
CA THR B 236 15.23 3.90 -28.86
C THR B 236 14.20 2.92 -28.40
N CYS B 237 14.70 1.70 -28.12
CA CYS B 237 13.91 0.59 -27.60
C CYS B 237 13.98 0.56 -26.09
N THR B 238 12.85 0.26 -25.45
CA THR B 238 12.88 -0.12 -24.07
C THR B 238 12.33 -1.53 -24.02
N LEU B 239 13.10 -2.37 -23.35
CA LEU B 239 12.81 -3.79 -23.19
C LEU B 239 12.37 -4.01 -21.75
N PHE B 240 11.14 -4.53 -21.59
CA PHE B 240 10.61 -4.98 -20.30
C PHE B 240 10.62 -6.49 -20.17
N MET B 241 11.43 -6.98 -19.24
CA MET B 241 11.29 -8.37 -18.81
C MET B 241 11.60 -8.54 -17.32
N SER B 242 11.09 -9.66 -16.77
CA SER B 242 11.27 -10.01 -15.36
C SER B 242 12.73 -10.11 -15.00
N PHE B 243 13.09 -9.54 -13.87
CA PHE B 243 14.49 -9.55 -13.42
C PHE B 243 15.05 -10.97 -13.43
N GLU B 244 14.16 -11.95 -13.22
CA GLU B 244 14.54 -13.36 -13.23
C GLU B 244 15.20 -13.65 -14.58
N GLU B 245 14.49 -13.34 -15.67
CA GLU B 245 14.96 -13.62 -17.04
C GLU B 245 16.29 -12.94 -17.37
N PHE B 246 16.34 -11.64 -17.12
CA PHE B 246 17.60 -10.89 -17.14
C PHE B 246 18.73 -11.63 -16.43
N GLU B 247 18.45 -12.26 -15.29
CA GLU B 247 19.50 -12.99 -14.59
C GLU B 247 20.12 -14.11 -15.43
N LYS B 248 19.33 -14.72 -16.32
CA LYS B 248 19.76 -15.86 -17.14
C LYS B 248 20.49 -15.51 -18.47
N LEU B 249 20.99 -14.29 -18.60
CA LEU B 249 21.66 -13.81 -19.83
C LEU B 249 22.92 -12.99 -19.51
N PRO B 250 23.95 -13.64 -18.90
CA PRO B 250 25.18 -12.94 -18.53
C PRO B 250 26.19 -12.76 -19.63
N THR B 251 26.16 -13.59 -20.68
CA THR B 251 27.18 -13.61 -21.74
C THR B 251 26.56 -13.20 -23.05
N HIS B 252 27.33 -12.52 -23.90
CA HIS B 252 26.83 -12.13 -25.23
C HIS B 252 26.08 -13.28 -25.91
N SER B 253 26.63 -14.49 -25.90
CA SER B 253 25.99 -15.63 -26.58
C SER B 253 24.55 -15.84 -26.14
N ASP B 254 24.31 -15.63 -24.85
CA ASP B 254 22.98 -15.84 -24.28
C ASP B 254 22.02 -14.78 -24.75
N VAL B 255 22.48 -13.53 -24.75
CA VAL B 255 21.65 -12.41 -25.20
C VAL B 255 21.28 -12.61 -26.67
N LEU B 256 22.28 -12.92 -27.47
CA LEU B 256 22.07 -13.27 -28.87
C LEU B 256 21.07 -14.41 -29.02
N ASP B 257 21.31 -15.52 -28.31
CA ASP B 257 20.43 -16.68 -28.43
C ASP B 257 19.00 -16.35 -28.03
N PHE B 258 18.85 -15.55 -26.97
CA PHE B 258 17.54 -15.04 -26.51
C PHE B 258 16.89 -14.25 -27.62
N PHE B 259 17.63 -13.24 -28.10
CA PHE B 259 17.12 -12.33 -29.15
C PHE B 259 16.69 -13.04 -30.41
N GLN B 260 17.51 -14.00 -30.82
CA GLN B 260 17.18 -14.91 -31.91
C GLN B 260 15.87 -15.65 -31.66
N LYS B 261 15.61 -16.11 -30.42
CA LYS B 261 14.31 -16.74 -30.10
C LYS B 261 13.19 -15.71 -30.15
N ASN B 262 13.25 -14.78 -29.22
CA ASN B 262 12.08 -14.03 -28.82
C ASN B 262 11.87 -12.79 -29.69
N PHE B 263 12.95 -12.16 -30.17
CA PHE B 263 12.87 -10.92 -30.99
C PHE B 263 13.75 -11.10 -32.22
N PRO B 264 13.29 -11.89 -33.20
CA PRO B 264 14.16 -12.36 -34.29
C PRO B 264 14.55 -11.28 -35.31
N ASP B 265 13.58 -10.48 -35.77
CA ASP B 265 13.86 -9.34 -36.66
C ASP B 265 14.65 -8.19 -36.01
N ALA B 266 14.95 -8.28 -34.73
CA ALA B 266 15.69 -7.25 -34.07
C ALA B 266 17.17 -7.35 -34.34
N ILE B 267 17.80 -8.51 -34.20
CA ILE B 267 19.28 -8.59 -34.48
C ILE B 267 19.79 -7.93 -35.80
N PRO B 268 19.01 -7.99 -36.89
CA PRO B 268 19.35 -7.19 -38.08
C PRO B 268 18.97 -5.72 -38.02
N LEU B 269 17.92 -5.37 -37.28
CA LEU B 269 17.53 -3.98 -37.07
C LEU B 269 18.54 -3.23 -36.21
N MET B 270 18.77 -3.78 -35.02
CA MET B 270 19.67 -3.20 -34.07
C MET B 270 21.03 -3.50 -34.56
N GLY B 271 21.99 -2.69 -34.13
CA GLY B 271 23.38 -3.05 -34.34
C GLY B 271 23.47 -4.46 -33.80
N GLU B 272 23.80 -5.38 -34.70
CA GLU B 272 24.10 -6.75 -34.34
C GLU B 272 25.00 -6.84 -33.09
N GLN B 273 25.91 -5.91 -32.90
CA GLN B 273 26.68 -5.84 -31.68
C GLN B 273 26.65 -4.48 -30.97
N ALA B 274 25.93 -3.50 -31.52
CA ALA B 274 25.29 -2.44 -30.69
C ALA B 274 24.38 -3.00 -29.59
N LEU B 275 23.53 -3.98 -29.94
CA LEU B 275 22.77 -4.75 -28.92
C LEU B 275 23.63 -5.15 -27.69
N MET B 276 24.81 -5.67 -27.96
CA MET B 276 25.74 -6.09 -26.90
C MET B 276 26.33 -4.92 -26.13
N ARG B 277 26.70 -3.83 -26.82
CA ARG B 277 27.18 -2.61 -26.13
C ARG B 277 26.11 -2.10 -25.21
N ASP B 278 24.91 -1.88 -25.75
CA ASP B 278 23.85 -1.25 -24.95
C ASP B 278 23.27 -2.19 -23.87
N PHE B 279 23.09 -3.47 -24.17
CA PHE B 279 22.50 -4.37 -23.17
C PHE B 279 23.35 -4.50 -21.89
N PHE B 280 24.66 -4.59 -22.04
CA PHE B 280 25.54 -4.76 -20.89
C PHE B 280 26.09 -3.45 -20.37
N LEU B 281 25.54 -2.33 -20.85
CA LEU B 281 25.99 -1.00 -20.45
C LEU B 281 25.80 -0.78 -18.95
N LEU B 282 24.60 -1.08 -18.48
CA LEU B 282 24.26 -1.04 -17.06
C LEU B 282 23.03 -1.89 -16.84
N PRO B 283 22.75 -2.27 -15.57
CA PRO B 283 21.78 -3.34 -15.31
C PRO B 283 20.33 -2.96 -15.48
N ALA B 284 19.48 -3.97 -15.50
CA ALA B 284 18.06 -3.72 -15.70
C ALA B 284 17.57 -2.81 -14.59
N GLN B 285 16.84 -1.78 -14.97
CA GLN B 285 16.37 -0.80 -14.03
C GLN B 285 15.03 -1.21 -13.44
N PRO B 286 14.87 -1.01 -12.12
CA PRO B 286 13.65 -1.41 -11.43
C PRO B 286 12.51 -0.43 -11.67
N MET B 287 11.28 -0.90 -11.63
CA MET B 287 10.15 0.01 -11.74
C MET B 287 9.34 -0.01 -10.44
N ILE B 288 8.93 1.17 -10.00
CA ILE B 288 8.38 1.35 -8.68
C ILE B 288 7.03 2.01 -8.82
N SER B 289 5.99 1.39 -8.26
CA SER B 289 4.72 2.08 -8.14
C SER B 289 4.62 2.70 -6.78
N VAL B 290 4.33 4.00 -6.71
CA VAL B 290 3.97 4.59 -5.42
C VAL B 290 2.70 5.40 -5.48
N LYS B 291 1.92 5.23 -4.44
CA LYS B 291 0.65 5.90 -4.30
C LYS B 291 0.64 6.51 -2.96
N CYS B 292 0.11 7.72 -2.87
CA CYS B 292 -0.08 8.31 -1.56
C CYS B 292 -1.28 9.21 -1.54
N SER B 293 -1.64 9.62 -0.33
CA SER B 293 -2.74 10.53 -0.12
C SER B 293 -2.69 11.07 1.30
N PRO B 294 -2.91 12.37 1.51
CA PRO B 294 -3.19 13.36 0.48
C PRO B 294 -1.91 13.99 -0.05
N PHE B 295 -2.02 14.89 -1.03
CA PHE B 295 -0.87 15.45 -1.74
C PHE B 295 -0.30 16.72 -1.12
N HIS B 296 -0.80 17.09 0.06
CA HIS B 296 -0.43 18.35 0.65
C HIS B 296 -0.37 18.31 2.15
N LEU B 297 0.28 19.35 2.67
CA LEU B 297 0.39 19.59 4.09
C LEU B 297 0.06 21.06 4.39
N LYS B 298 -1.24 21.28 4.57
CA LYS B 298 -1.81 22.48 5.17
C LYS B 298 -1.18 23.75 4.66
N SER B 299 -1.47 24.05 3.39
CA SER B 299 -1.16 25.36 2.80
C SER B 299 0.33 25.77 2.72
N ARG B 300 1.24 24.88 3.08
CA ARG B 300 2.67 25.19 3.07
C ARG B 300 3.53 24.21 2.22
N CYS B 301 2.95 23.07 1.82
CA CYS B 301 3.73 22.03 1.13
C CYS B 301 2.86 21.13 0.25
N VAL B 302 3.24 20.96 -1.03
CA VAL B 302 2.47 20.15 -2.01
C VAL B 302 3.40 19.19 -2.82
N LEU B 303 2.86 18.03 -3.20
CA LEU B 303 3.61 17.07 -4.05
C LEU B 303 3.03 17.02 -5.45
N MET B 304 3.90 16.90 -6.45
CA MET B 304 3.47 16.79 -7.84
C MET B 304 4.41 15.94 -8.69
N GLY B 305 3.82 15.33 -9.70
CA GLY B 305 4.52 14.38 -10.51
C GLY B 305 4.69 13.08 -9.77
N ASP B 306 5.90 12.53 -9.83
CA ASP B 306 6.17 11.19 -9.32
C ASP B 306 6.43 11.25 -7.82
N ALA B 307 6.75 12.43 -7.31
CA ALA B 307 6.69 12.64 -5.86
C ALA B 307 5.33 12.18 -5.35
N ALA B 308 4.25 12.51 -6.06
CA ALA B 308 2.87 12.08 -5.71
C ALA B 308 2.30 10.80 -6.42
N HIS B 309 2.81 10.44 -7.60
CA HIS B 309 2.33 9.25 -8.30
C HIS B 309 3.28 8.60 -9.26
N ALA B 310 4.15 7.73 -8.75
CA ALA B 310 5.02 6.94 -9.61
C ALA B 310 4.22 5.76 -10.12
N ILE B 311 3.80 5.84 -11.36
CA ILE B 311 3.05 4.77 -12.00
C ILE B 311 4.02 3.91 -12.82
N VAL B 312 3.64 2.68 -13.06
CA VAL B 312 4.41 1.78 -13.92
C VAL B 312 4.23 2.23 -15.38
N PRO B 313 5.34 2.22 -16.18
CA PRO B 313 5.36 2.85 -17.49
C PRO B 313 4.74 1.99 -18.60
N PHE B 314 3.43 1.73 -18.49
CA PHE B 314 2.69 0.89 -19.44
C PHE B 314 1.41 1.57 -19.94
N PHE B 315 1.37 2.90 -19.93
CA PHE B 315 0.31 3.67 -20.61
C PHE B 315 0.79 4.99 -21.23
N GLY B 316 2.11 5.24 -21.22
CA GLY B 316 2.68 6.46 -21.80
C GLY B 316 2.24 7.76 -21.17
N GLN B 317 1.90 7.71 -19.90
CA GLN B 317 1.16 8.81 -19.26
C GLN B 317 1.80 9.46 -18.01
N GLY B 318 2.97 9.03 -17.56
CA GLY B 318 3.49 9.49 -16.27
C GLY B 318 3.84 10.96 -16.28
N MET B 319 4.65 11.33 -17.28
CA MET B 319 5.03 12.71 -17.54
C MET B 319 3.79 13.53 -17.86
N ASN B 320 2.88 12.93 -18.61
CA ASN B 320 1.68 13.63 -19.06
C ASN B 320 0.77 14.01 -17.89
N ALA B 321 0.64 13.08 -16.91
CA ALA B 321 -0.22 13.30 -15.76
C ALA B 321 0.39 14.36 -14.87
N GLY B 322 1.66 14.18 -14.51
CA GLY B 322 2.44 15.17 -13.75
C GLY B 322 2.45 16.54 -14.42
N PHE B 323 2.47 16.56 -15.75
CA PHE B 323 2.30 17.83 -16.46
C PHE B 323 0.91 18.34 -16.23
N GLU B 324 -0.10 17.49 -16.40
CA GLU B 324 -1.44 17.91 -16.06
C GLU B 324 -1.57 18.48 -14.60
N ASP B 325 -0.91 17.87 -13.61
CA ASP B 325 -0.88 18.37 -12.22
C ASP B 325 -0.63 19.87 -12.20
N CYS B 326 0.45 20.26 -12.87
CA CYS B 326 0.88 21.66 -12.87
C CYS B 326 -0.20 22.60 -13.43
N LEU B 327 -0.83 22.16 -14.51
CA LEU B 327 -1.95 22.86 -15.14
C LEU B 327 -3.16 22.96 -14.21
N VAL B 328 -3.54 21.82 -13.61
CA VAL B 328 -4.71 21.84 -12.74
C VAL B 328 -4.46 22.67 -11.51
N PHE B 329 -3.23 22.68 -10.99
CA PHE B 329 -2.90 23.59 -9.88
C PHE B 329 -3.17 25.02 -10.32
N ASP B 330 -2.69 25.35 -11.51
CA ASP B 330 -2.84 26.69 -12.07
C ASP B 330 -4.29 27.08 -12.20
N GLU B 331 -5.06 26.17 -12.78
CA GLU B 331 -6.50 26.36 -12.92
C GLU B 331 -7.13 26.75 -11.58
N LEU B 332 -6.75 26.04 -10.51
CA LEU B 332 -7.23 26.37 -9.18
C LEU B 332 -6.72 27.74 -8.74
N MET B 333 -5.41 27.97 -8.82
CA MET B 333 -4.83 29.27 -8.41
C MET B 333 -5.51 30.44 -9.11
N ASP B 334 -5.99 30.21 -10.34
CA ASP B 334 -6.85 31.17 -11.04
C ASP B 334 -8.21 31.22 -10.37
N LYS B 335 -8.91 30.09 -10.35
CA LYS B 335 -10.27 30.05 -9.76
C LYS B 335 -10.28 30.86 -8.45
N PHE B 336 -9.39 30.51 -7.55
CA PHE B 336 -9.39 31.05 -6.21
C PHE B 336 -8.33 32.13 -5.96
N ASN B 337 -8.04 33.00 -6.92
CA ASN B 337 -7.20 34.18 -6.62
C ASN B 337 -5.93 33.92 -5.78
N ASN B 338 -5.21 32.85 -6.09
CA ASN B 338 -3.88 32.57 -5.50
C ASN B 338 -3.84 32.30 -4.00
N ASP B 339 -4.88 31.68 -3.46
CA ASP B 339 -4.97 31.33 -2.04
C ASP B 339 -4.48 29.89 -1.93
N LEU B 340 -3.29 29.76 -1.37
CA LEU B 340 -2.71 28.45 -1.16
C LEU B 340 -3.45 27.65 -0.06
N SER B 341 -4.11 28.30 0.91
CA SER B 341 -4.92 27.61 1.94
C SER B 341 -6.07 26.84 1.31
N VAL B 342 -6.58 27.35 0.21
CA VAL B 342 -7.67 26.76 -0.53
C VAL B 342 -7.14 25.83 -1.63
N CYS B 343 -6.17 26.33 -2.41
CA CYS B 343 -5.63 25.55 -3.56
C CYS B 343 -4.97 24.21 -3.20
N LEU B 344 -4.32 24.12 -2.04
CA LEU B 344 -3.61 22.92 -1.66
C LEU B 344 -4.58 21.79 -1.34
N PRO B 345 -5.57 22.01 -0.44
CA PRO B 345 -6.67 21.05 -0.24
C PRO B 345 -7.50 20.71 -1.48
N GLU B 346 -7.80 21.73 -2.28
CA GLU B 346 -8.54 21.54 -3.52
C GLU B 346 -7.73 20.77 -4.53
N PHE B 347 -6.39 20.87 -4.45
CA PHE B 347 -5.49 20.13 -5.33
C PHE B 347 -5.64 18.66 -5.03
N SER B 348 -5.43 18.30 -3.77
CA SER B 348 -5.60 16.94 -3.29
C SER B 348 -7.02 16.46 -3.59
N ARG B 349 -8.01 17.32 -3.35
CA ARG B 349 -9.42 16.95 -3.46
C ARG B 349 -9.76 16.65 -4.91
N PHE B 350 -9.28 17.48 -5.82
CA PHE B 350 -9.62 17.34 -7.24
C PHE B 350 -8.73 16.33 -8.02
N ARG B 351 -7.45 16.24 -7.64
CA ARG B 351 -6.41 15.58 -8.46
C ARG B 351 -6.08 14.15 -8.09
N ILE B 352 -6.20 13.83 -6.80
CA ILE B 352 -5.90 12.49 -6.28
C ILE B 352 -6.68 11.33 -6.93
N PRO B 353 -8.02 11.45 -7.03
CA PRO B 353 -8.85 10.46 -7.73
C PRO B 353 -8.39 10.19 -9.15
N ASP B 354 -8.10 11.27 -9.88
CA ASP B 354 -7.57 11.18 -11.25
C ASP B 354 -6.20 10.50 -11.24
N ASP B 355 -5.24 11.07 -10.52
CA ASP B 355 -3.89 10.49 -10.48
C ASP B 355 -3.84 9.04 -9.94
N HIS B 356 -4.81 8.62 -9.11
CA HIS B 356 -4.88 7.23 -8.68
C HIS B 356 -5.39 6.40 -9.86
N ALA B 357 -6.38 6.93 -10.58
CA ALA B 357 -6.97 6.20 -11.71
C ALA B 357 -5.96 5.83 -12.79
N ILE B 358 -5.10 6.79 -13.13
CA ILE B 358 -4.13 6.56 -14.21
C ILE B 358 -3.06 5.53 -13.78
N SER B 359 -2.62 5.69 -12.54
CA SER B 359 -1.81 4.68 -11.88
C SER B 359 -2.46 3.32 -12.03
N ASP B 360 -3.75 3.23 -11.67
CA ASP B 360 -4.44 1.92 -11.70
C ASP B 360 -4.50 1.36 -13.12
N LEU B 361 -5.09 2.14 -14.03
CA LEU B 361 -5.07 1.83 -15.48
C LEU B 361 -3.74 1.24 -15.90
N SER B 362 -2.65 1.99 -15.61
CA SER B 362 -1.28 1.55 -15.91
C SER B 362 -0.94 0.15 -15.45
N MET B 363 -1.28 -0.15 -14.19
CA MET B 363 -0.90 -1.43 -13.57
C MET B 363 -1.76 -2.51 -14.18
N TYR B 364 -3.05 -2.19 -14.41
CA TYR B 364 -3.97 -3.10 -15.04
C TYR B 364 -3.34 -3.49 -16.35
N ASN B 365 -2.97 -2.49 -17.13
CA ASN B 365 -2.27 -2.70 -18.39
C ASN B 365 -1.04 -3.61 -18.24
N TYR B 366 -0.19 -3.23 -17.30
CA TYR B 366 1.01 -3.99 -17.01
C TYR B 366 0.73 -5.45 -16.70
N ILE B 367 -0.38 -5.75 -16.04
CA ILE B 367 -0.72 -7.17 -15.74
C ILE B 367 -1.34 -7.83 -16.97
N GLU B 368 -2.29 -7.14 -17.60
CA GLU B 368 -2.86 -7.59 -18.86
C GLU B 368 -1.78 -8.03 -19.82
N MET B 369 -0.68 -7.27 -19.91
CA MET B 369 0.39 -7.65 -20.82
C MET B 369 1.05 -9.01 -20.49
N ARG B 370 1.03 -9.39 -19.22
CA ARG B 370 1.69 -10.63 -18.75
C ARG B 370 0.98 -11.94 -19.05
N ALA B 371 -0.33 -11.88 -19.34
CA ALA B 371 -1.08 -13.06 -19.76
C ALA B 371 -1.63 -12.87 -21.18
N HIS B 372 -2.57 -11.94 -21.32
CA HIS B 372 -3.52 -11.91 -22.45
C HIS B 372 -3.07 -11.22 -23.75
N VAL B 373 -1.85 -10.68 -23.83
CA VAL B 373 -1.32 -10.22 -25.14
C VAL B 373 -0.07 -11.00 -25.57
N ASN B 374 -0.27 -11.83 -26.57
CA ASN B 374 0.77 -12.19 -27.54
C ASN B 374 0.44 -11.33 -28.78
N SER B 375 0.94 -11.71 -29.96
CA SER B 375 0.77 -10.93 -31.20
C SER B 375 -0.66 -10.38 -31.48
N ARG B 376 -1.68 -11.22 -31.31
CA ARG B 376 -2.99 -11.06 -31.99
C ARG B 376 -4.10 -10.26 -31.25
N TRP B 377 -4.22 -10.44 -29.94
CA TRP B 377 -5.32 -9.80 -29.17
C TRP B 377 -5.32 -8.25 -29.22
N PHE B 378 -4.11 -7.67 -29.31
CA PHE B 378 -3.92 -6.20 -29.50
C PHE B 378 -4.68 -5.69 -30.74
N LEU B 379 -4.54 -6.40 -31.87
CA LEU B 379 -5.27 -6.09 -33.13
C LEU B 379 -6.81 -6.20 -33.01
N PHE B 380 -7.26 -7.38 -32.54
CA PHE B 380 -8.70 -7.63 -32.34
C PHE B 380 -9.36 -6.65 -31.35
N GLN B 381 -8.77 -6.49 -30.16
CA GLN B 381 -9.30 -5.53 -29.17
C GLN B 381 -9.47 -4.11 -29.80
N ARG B 382 -8.40 -3.61 -30.43
CA ARG B 382 -8.43 -2.27 -31.08
C ARG B 382 -9.40 -2.15 -32.26
N LEU B 383 -9.36 -3.12 -33.19
CA LEU B 383 -10.33 -3.07 -34.33
C LEU B 383 -11.80 -3.22 -33.84
N LEU B 384 -12.03 -4.14 -32.89
CA LEU B 384 -13.33 -4.26 -32.20
C LEU B 384 -13.74 -2.91 -31.67
N ASP B 385 -12.89 -2.34 -30.80
CA ASP B 385 -13.13 -0.99 -30.24
C ASP B 385 -13.49 0.03 -31.34
N LYS B 386 -12.64 0.11 -32.36
CA LYS B 386 -12.87 1.07 -33.47
C LYS B 386 -14.20 0.83 -34.23
N PHE B 387 -14.64 -0.43 -34.37
CA PHE B 387 -15.98 -0.69 -34.97
C PHE B 387 -17.13 0.03 -34.22
N LEU B 388 -17.06 -0.01 -32.90
CA LEU B 388 -18.17 0.44 -32.04
C LEU B 388 -18.18 1.96 -31.80
N HIS B 389 -16.98 2.59 -31.86
CA HIS B 389 -16.85 4.08 -31.87
C HIS B 389 -17.41 4.63 -33.17
N ALA B 390 -16.97 4.03 -34.28
CA ALA B 390 -17.53 4.33 -35.60
C ALA B 390 -19.04 4.15 -35.56
N LEU B 391 -19.51 3.02 -35.02
CA LEU B 391 -20.96 2.84 -34.81
C LEU B 391 -21.57 4.01 -33.98
N MET B 392 -20.98 4.33 -32.81
CA MET B 392 -21.52 5.41 -31.93
C MET B 392 -20.45 6.43 -31.46
N PRO B 393 -20.13 7.43 -32.31
CA PRO B 393 -19.13 8.49 -32.05
C PRO B 393 -19.20 9.38 -30.79
N SER B 394 -20.26 9.31 -29.99
CA SER B 394 -20.25 9.98 -28.66
C SER B 394 -20.49 9.09 -27.43
N THR B 395 -21.05 7.88 -27.60
CA THR B 395 -21.29 6.93 -26.46
C THR B 395 -20.15 5.93 -26.26
N PHE B 396 -19.46 5.59 -27.35
CA PHE B 396 -18.21 4.84 -27.28
C PHE B 396 -17.06 5.75 -27.76
N ILE B 397 -16.32 6.33 -26.81
CA ILE B 397 -14.98 6.86 -27.10
C ILE B 397 -14.04 5.86 -26.47
N PRO B 398 -13.14 5.24 -27.26
CA PRO B 398 -12.29 4.21 -26.63
C PRO B 398 -11.38 4.74 -25.51
N LEU B 399 -10.89 3.84 -24.67
CA LEU B 399 -10.12 4.23 -23.48
C LEU B 399 -8.94 5.08 -23.89
N TYR B 400 -8.08 4.52 -24.76
CA TYR B 400 -6.79 5.13 -25.13
C TYR B 400 -6.92 6.52 -25.77
N THR B 401 -8.01 6.72 -26.50
CA THR B 401 -8.36 8.01 -27.07
C THR B 401 -8.68 9.01 -25.98
N MET B 402 -9.44 8.57 -24.97
CA MET B 402 -9.84 9.42 -23.85
C MET B 402 -8.64 9.91 -23.04
N VAL B 403 -7.69 9.00 -22.78
CA VAL B 403 -6.47 9.37 -22.03
C VAL B 403 -5.56 10.18 -22.93
N ALA B 404 -5.27 9.66 -24.13
CA ALA B 404 -4.26 10.27 -24.99
C ALA B 404 -4.68 11.64 -25.56
N PHE B 405 -5.92 11.74 -26.00
CA PHE B 405 -6.31 12.85 -26.85
C PHE B 405 -7.34 13.79 -26.24
N THR B 406 -7.65 13.62 -24.96
CA THR B 406 -8.63 14.47 -24.27
C THR B 406 -8.17 14.78 -22.86
N ARG B 407 -8.91 15.68 -22.20
CA ARG B 407 -8.77 15.91 -20.75
C ARG B 407 -9.95 15.46 -19.88
N ILE B 408 -10.81 14.60 -20.42
CA ILE B 408 -11.80 13.88 -19.62
C ILE B 408 -10.99 13.43 -18.42
N ARG B 409 -11.47 13.70 -17.20
CA ARG B 409 -10.76 13.24 -15.99
C ARG B 409 -10.46 11.74 -15.97
N TYR B 410 -9.31 11.36 -15.45
CA TYR B 410 -8.90 9.96 -15.53
C TYR B 410 -10.00 9.05 -14.93
N HIS B 411 -10.45 9.39 -13.72
CA HIS B 411 -11.43 8.55 -13.03
C HIS B 411 -12.73 8.49 -13.81
N GLU B 412 -13.13 9.61 -14.41
CA GLU B 412 -14.25 9.58 -15.37
C GLU B 412 -14.04 8.72 -16.62
N ALA B 413 -12.83 8.76 -17.19
CA ALA B 413 -12.47 7.84 -18.27
C ALA B 413 -12.58 6.39 -17.82
N VAL B 414 -12.16 6.10 -16.59
CA VAL B 414 -12.32 4.72 -16.06
C VAL B 414 -13.79 4.36 -15.88
N LEU B 415 -14.55 5.32 -15.36
CA LEU B 415 -16.00 5.16 -15.27
C LEU B 415 -16.64 4.83 -16.64
N ARG B 416 -16.53 5.76 -17.58
CA ARG B 416 -17.02 5.56 -18.96
C ARG B 416 -16.51 4.23 -19.55
N TRP B 417 -15.26 3.92 -19.31
CA TRP B 417 -14.68 2.71 -19.85
C TRP B 417 -15.35 1.48 -19.28
N HIS B 418 -15.54 1.44 -17.96
CA HIS B 418 -16.23 0.27 -17.39
C HIS B 418 -17.69 0.24 -17.93
N TRP B 419 -18.38 1.38 -17.84
CA TRP B 419 -19.74 1.51 -18.39
C TRP B 419 -19.84 0.86 -19.76
N GLN B 420 -19.08 1.39 -20.71
CA GLN B 420 -19.08 0.81 -22.07
C GLN B 420 -18.96 -0.71 -22.00
N LYS B 421 -17.93 -1.13 -21.28
CA LYS B 421 -17.55 -2.53 -21.22
C LYS B 421 -18.83 -3.32 -20.84
N LYS B 422 -19.56 -2.78 -19.86
CA LYS B 422 -20.81 -3.41 -19.43
C LYS B 422 -21.91 -3.31 -20.48
N VAL B 423 -22.25 -2.11 -20.97
CA VAL B 423 -23.33 -2.03 -22.01
C VAL B 423 -23.05 -2.93 -23.24
N ILE B 424 -21.78 -3.12 -23.59
CA ILE B 424 -21.43 -4.08 -24.66
C ILE B 424 -21.50 -5.55 -24.20
N ASN B 425 -20.89 -5.89 -23.05
CA ASN B 425 -20.99 -7.25 -22.47
C ASN B 425 -22.48 -7.72 -22.39
N ARG B 426 -23.28 -6.85 -21.77
CA ARG B 426 -24.74 -6.91 -21.68
C ARG B 426 -25.41 -7.03 -23.07
N GLY B 427 -25.27 -5.98 -23.90
CA GLY B 427 -25.92 -5.95 -25.22
C GLY B 427 -25.57 -7.09 -26.17
N LEU B 428 -24.35 -7.63 -26.07
CA LEU B 428 -23.90 -8.76 -26.93
C LEU B 428 -24.09 -10.16 -26.29
N PHE B 429 -24.11 -10.25 -24.94
CA PHE B 429 -24.72 -11.43 -24.29
C PHE B 429 -26.24 -11.48 -24.60
N VAL B 430 -26.90 -10.32 -24.79
CA VAL B 430 -28.31 -10.24 -25.32
C VAL B 430 -28.47 -10.73 -26.78
N LEU B 431 -27.81 -10.07 -27.73
CA LEU B 431 -27.82 -10.56 -29.12
C LEU B 431 -27.41 -12.04 -29.18
N GLY B 432 -26.28 -12.36 -28.54
CA GLY B 432 -25.76 -13.74 -28.49
C GLY B 432 -26.69 -14.78 -27.88
N SER B 433 -27.11 -14.58 -26.62
CA SER B 433 -27.90 -15.59 -25.89
C SER B 433 -29.36 -15.71 -26.34
N LEU B 434 -29.98 -14.59 -26.73
CA LEU B 434 -31.41 -14.53 -27.07
C LEU B 434 -31.74 -15.03 -28.49
N VAL B 435 -31.08 -14.47 -29.50
CA VAL B 435 -31.32 -14.90 -30.90
C VAL B 435 -30.59 -16.22 -31.21
N ALA B 436 -29.55 -16.55 -30.42
CA ALA B 436 -28.90 -17.88 -30.40
C ALA B 436 -28.78 -18.40 -28.96
PA FAD C . 3.75 -3.29 21.01
O1A FAD C . 2.97 -4.07 22.02
O2A FAD C . 3.29 -1.92 20.57
O5B FAD C . 5.25 -3.09 21.58
C5B FAD C . 6.16 -2.17 20.98
C4B FAD C . 7.23 -1.77 22.00
O4B FAD C . 8.37 -1.22 21.33
C3B FAD C . 6.75 -0.69 22.96
O3B FAD C . 7.18 -1.04 24.26
C2B FAD C . 7.44 0.58 22.50
O2B FAD C . 7.64 1.50 23.57
C1B FAD C . 8.73 0.03 21.92
N9A FAD C . 9.39 0.91 20.93
C8A FAD C . 8.82 1.54 19.91
N7A FAD C . 9.74 2.25 19.22
C5A FAD C . 10.92 2.08 19.81
C6A FAD C . 12.28 2.54 19.59
N6A FAD C . 12.50 3.36 18.55
N1A FAD C . 13.25 2.12 20.42
C2A FAD C . 13.00 1.29 21.45
N3A FAD C . 11.77 0.83 21.70
C4A FAD C . 10.69 1.18 20.93
N1 FAD C . -4.37 -8.66 19.67
C2 FAD C . -4.90 -9.86 20.04
O2 FAD C . -4.21 -10.91 19.91
N3 FAD C . -6.14 -9.94 20.56
C4 FAD C . -6.95 -8.87 20.73
O4 FAD C . -8.10 -9.02 21.22
C4X FAD C . -6.42 -7.55 20.35
N5 FAD C . -7.16 -6.42 20.47
C5X FAD C . -6.66 -5.22 20.10
C6 FAD C . -7.45 -4.11 20.25
C7 FAD C . -7.00 -2.85 19.88
C7M FAD C . -7.91 -1.65 20.06
C8 FAD C . -5.63 -2.72 19.31
C8M FAD C . -5.08 -1.38 18.91
C9 FAD C . -4.83 -3.82 19.16
C9A FAD C . -5.28 -5.09 19.55
N10 FAD C . -4.49 -6.27 19.42
C10 FAD C . -5.04 -7.51 19.80
C1' FAD C . -3.14 -6.23 18.86
C2' FAD C . -2.01 -5.89 19.87
O2' FAD C . -2.20 -4.63 20.55
C3' FAD C . -0.67 -5.89 19.15
O3' FAD C . -0.76 -6.91 18.18
C4' FAD C . 0.54 -6.21 20.01
O4' FAD C . 0.74 -5.14 20.93
C5' FAD C . 1.84 -6.37 19.23
O5' FAD C . 2.93 -6.44 20.13
P FAD C . 4.26 -5.70 19.69
O1P FAD C . 5.32 -5.85 20.79
O2P FAD C . 4.55 -6.12 18.28
O3P FAD C . 3.84 -4.16 19.65
S SO4 D . -16.58 -20.51 16.22
O1 SO4 D . -17.84 -19.82 16.56
O2 SO4 D . -16.96 -21.71 15.44
O3 SO4 D . -15.65 -19.67 15.44
O4 SO4 D . -15.91 -20.87 17.49
CL CL E . -5.73 -7.23 16.68
C27 EGU F . -11.55 -6.35 18.93
C32 EGU F . -10.99 -5.62 19.97
C10 EGU F . -16.66 -10.59 17.48
C30 EGU F . -10.80 -7.63 21.32
C13 EGU F . -14.87 -10.01 15.40
C9 EGU F . -16.02 -11.60 16.79
C28 EGU F . -11.72 -7.71 19.09
C29 EGU F . -11.34 -8.32 20.26
C14 EGU F . -15.14 -11.31 15.77
C31 EGU F . -10.62 -6.27 21.16
C11 EGU F . -16.38 -9.29 17.10
C12 EGU F . -15.50 -9.01 16.08
C21 EGU F . -13.01 -12.66 16.94
C20 EGU F . -12.51 -13.49 17.91
C23 EGU F . -12.45 -11.14 18.48
C8 EGU F . -16.28 -13.01 17.14
C17 EGU F . -13.55 -13.16 15.68
C26 EGU F . -12.28 -8.72 18.15
C24 EGU F . -11.59 -9.77 20.24
C3 EGU F . -14.94 -12.54 13.71
C1 EGU F . -10.27 -4.28 22.02
N22 EGU F . -12.97 -11.33 17.29
N25 EGU F . -12.35 -9.90 19.01
N15 EGU F . -14.47 -12.31 15.06
O6 EGU F . -16.40 -13.95 16.33
O16 EGU F . -13.24 -14.26 15.25
O7 EGU F . -16.33 -13.11 18.50
O2 EGU F . -10.06 -5.65 22.26
F5 EGU F . -16.96 -8.26 17.71
S19 EGU F . -11.95 -12.59 19.28
CL4 EGU F . -15.15 -7.41 15.60
CL2 EGU F . -12.41 -15.21 17.71
PA FAD G . 11.97 13.36 -12.49
O1A FAD G . 11.98 13.63 -13.97
O2A FAD G . 12.55 12.13 -11.84
O5B FAD G . 12.52 14.64 -11.68
C5B FAD G . 13.06 14.59 -10.35
C4B FAD G . 14.29 15.51 -10.26
O4B FAD G . 14.49 15.93 -8.90
C3B FAD G . 15.60 14.84 -10.71
O3B FAD G . 16.32 15.67 -11.61
C2B FAD G . 16.40 14.68 -9.44
O2B FAD G . 17.78 14.88 -9.71
C1B FAD G . 15.83 15.75 -8.52
N9A FAD G . 15.87 15.37 -7.09
C8A FAD G . 15.56 14.20 -6.57
N7A FAD G . 15.73 14.22 -5.24
C5A FAD G . 16.16 15.42 -4.90
C6A FAD G . 16.54 16.10 -3.64
N6A FAD G . 16.48 15.44 -2.44
N1A FAD G . 16.93 17.38 -3.73
C2A FAD G . 17.00 18.03 -4.90
N3A FAD G . 16.67 17.46 -6.07
C4A FAD G . 16.25 16.18 -6.13
N1 FAD G . 5.75 9.45 -19.28
C2 FAD G . 4.97 9.78 -20.35
O2 FAD G . 4.20 10.77 -20.25
N3 FAD G . 5.01 9.10 -21.51
C4 FAD G . 5.80 8.03 -21.69
O4 FAD G . 5.83 7.39 -22.77
C4X FAD G . 6.67 7.60 -20.57
N5 FAD G . 7.46 6.53 -20.70
C5X FAD G . 8.25 6.17 -19.67
C6 FAD G . 9.04 5.06 -19.82
C7 FAD G . 9.88 4.59 -18.85
C7M FAD G . 10.73 3.38 -19.11
C8 FAD G . 9.90 5.30 -17.56
C8M FAD G . 10.78 4.84 -16.44
C9 FAD G . 9.09 6.43 -17.39
C9A FAD G . 8.26 6.91 -18.39
N10 FAD G . 7.43 8.04 -18.25
C10 FAD G . 6.60 8.41 -19.33
C1' FAD G . 7.33 8.82 -16.99
C2' FAD G . 8.36 9.96 -16.83
O2' FAD G . 9.71 9.48 -16.99
C3' FAD G . 8.13 10.62 -15.47
O3' FAD G . 6.74 10.87 -15.33
C4' FAD G . 8.72 11.99 -15.22
O4' FAD G . 10.16 11.96 -15.21
C5' FAD G . 8.30 12.55 -13.88
O5' FAD G . 8.86 13.85 -13.75
P FAD G . 9.41 14.39 -12.36
O1P FAD G . 10.16 15.70 -12.55
O2P FAD G . 8.31 14.31 -11.30
O3P FAD G . 10.44 13.20 -12.10
S SO4 H . -7.74 4.28 -30.21
O1 SO4 H . -8.77 5.08 -30.92
O2 SO4 H . -7.45 3.07 -31.01
O3 SO4 H . -6.52 5.11 -30.02
O4 SO4 H . -8.22 3.83 -28.88
CL CL I . 4.73 6.41 -17.70
C27 EGU J . 5.98 2.59 -22.30
C32 EGU J . 7.30 3.02 -22.33
C10 EGU J . 1.15 0.45 -26.49
C30 EGU J . 6.80 4.65 -24.04
C13 EGU J . 0.51 0.59 -23.77
C9 EGU J . 0.06 1.17 -26.04
C28 EGU J . 5.08 3.21 -23.14
C29 EGU J . 5.50 4.21 -23.97
C14 EGU J . -0.27 1.24 -24.70
C31 EGU J . 7.70 4.05 -23.20
C11 EGU J . 1.90 -0.20 -25.55
C12 EGU J . 1.60 -0.15 -24.21
C21 EGU J . -0.14 4.05 -24.78
C20 EGU J . 0.03 5.25 -25.48
C23 EGU J . 2.09 4.26 -24.72
C8 EGU J . -0.73 1.86 -27.06
C17 EGU J . -1.43 3.40 -24.51
C26 EGU J . 3.64 2.99 -23.31
C24 EGU J . 4.42 4.76 -24.78
C3 EGU J . -2.40 1.41 -23.44
C1 EGU J . 9.88 3.70 -22.73
N22 EGU J . 1.07 3.53 -24.37
N25 EGU J . 3.35 3.88 -24.43
N15 EGU J . -1.38 2.02 -24.27
O6 EGU J . -1.93 1.69 -27.16
O16 EGU J . -2.47 4.04 -24.54
O7 EGU J . 0.06 2.70 -27.80
O2 EGU J . 8.97 4.57 -23.36
F5 EGU J . 2.98 -0.90 -25.97
S19 EGU J . 1.69 5.71 -25.61
CL4 EGU J . 2.60 -0.98 -23.07
CL2 EGU J . -1.21 6.23 -26.17
#